data_9R0L
#
_entry.id   9R0L
#
_cell.length_a   46.567
_cell.length_b   76.701
_cell.length_c   78.868
_cell.angle_alpha   62.61
_cell.angle_beta   79.07
_cell.angle_gamma   72.89
#
_symmetry.space_group_name_H-M   'P 1'
#
loop_
_entity.id
_entity.type
_entity.pdbx_description
1 polymer 'Carbonic anhydrase 12'
2 non-polymer 'ZINC ION'
3 non-polymer 3-(cyclooctylamino)-2,6-difluoro-4-((3-hydroxypropyl)sulfonyl)-5-(piperidin-1-yl)benzenesulfonamide
4 water water
#
_entity_poly.entity_id   1
_entity_poly.type   'polypeptide(L)'
_entity_poly.pdbx_seq_one_letter_code
;ASKWTYFGPDGENSWSKKYPSCGGLLQSPIDLHSDILQYDASLTPLEFQGYNLSANKQFLLTNNGHSVKLNLPSDMHIQG
LQSRYSATQLHLHWGNPNDPHGSEHTVSGQHFAAELHIVHYNSDLYPDASTASNKSEGLAVLAVLIEMGSFNPSYDKIFS
HLQHVKYKGQEAFVPGFNIEELLPERTAEYYRYRGSLTTPPCNPTVLWTVFRNPVQISQEQLLALETALYCTHMDDPSPR
EMINNFRQVQKFDERLVYTSFSQ
;
_entity_poly.pdbx_strand_id   A,B,C,D
#
loop_
_chem_comp.id
_chem_comp.type
_chem_comp.name
_chem_comp.formula
A1H9A non-polymer 3-(cyclooctylamino)-2,6-difluoro-4-((3-hydroxypropyl)sulfonyl)-5-(piperidin-1-yl)benzenesulfonamide 'C22 H35 F2 N3 O5 S2'
ZN non-polymer 'ZINC ION' 'Zn 2'
#
# COMPACT_ATOMS: atom_id res chain seq x y z
N LYS A 3 11.71 21.59 27.79
CA LYS A 3 11.85 20.56 28.79
C LYS A 3 11.75 19.15 28.19
N TRP A 4 10.75 18.74 27.40
CA TRP A 4 10.88 17.44 26.67
C TRP A 4 10.56 17.63 25.20
N THR A 5 11.19 16.84 24.37
CA THR A 5 11.02 16.92 22.92
C THR A 5 10.95 15.53 22.32
N TYR A 6 10.84 15.44 20.99
CA TYR A 6 10.93 14.17 20.28
C TYR A 6 12.24 13.98 19.54
N PHE A 7 13.16 14.93 19.70
CA PHE A 7 14.42 14.92 18.91
C PHE A 7 15.51 15.50 19.80
N GLY A 8 16.71 15.01 19.65
CA GLY A 8 17.87 15.66 20.24
C GLY A 8 17.96 15.41 21.75
N PRO A 9 18.73 16.22 22.49
CA PRO A 9 19.08 15.87 23.86
C PRO A 9 17.93 15.65 24.84
N ASP A 10 16.81 16.36 24.67
CA ASP A 10 15.65 16.20 25.57
C ASP A 10 14.63 15.24 24.95
N GLY A 11 15.05 14.45 23.96
CA GLY A 11 14.24 13.44 23.29
C GLY A 11 13.97 12.23 24.15
N GLU A 12 13.29 11.26 23.56
CA GLU A 12 12.58 10.18 24.34
C GLU A 12 13.56 9.34 25.15
N ASN A 13 14.81 9.12 24.74
CA ASN A 13 15.72 8.29 25.57
C ASN A 13 16.08 9.03 26.85
N SER A 14 15.89 10.34 26.91
CA SER A 14 16.19 11.18 28.11
C SER A 14 14.91 11.47 28.91
N TRP A 15 13.72 11.09 28.47
CA TRP A 15 12.48 11.44 29.21
C TRP A 15 12.56 10.89 30.64
N SER A 16 13.09 9.69 30.86
CA SER A 16 13.20 9.06 32.19
C SER A 16 14.05 9.92 33.14
N LYS A 17 14.91 10.80 32.65
CA LYS A 17 15.69 11.68 33.56
C LYS A 17 14.76 12.70 34.16
N LYS A 18 13.65 13.00 33.50
CA LYS A 18 12.73 14.09 33.88
C LYS A 18 11.43 13.59 34.46
N TYR A 19 11.01 12.39 34.09
CA TYR A 19 9.68 11.84 34.37
C TYR A 19 9.95 10.40 34.71
N PRO A 20 9.96 9.98 35.99
CA PRO A 20 10.35 8.64 36.34
C PRO A 20 9.55 7.53 35.67
N SER A 21 8.25 7.76 35.44
CA SER A 21 7.44 6.65 34.86
C SER A 21 7.87 6.35 33.44
N CYS A 22 8.51 7.29 32.73
CA CYS A 22 8.91 7.00 31.32
C CYS A 22 9.96 5.91 31.23
N GLY A 23 10.61 5.57 32.33
CA GLY A 23 11.54 4.42 32.42
C GLY A 23 10.96 3.28 33.22
N GLY A 24 9.67 3.32 33.53
CA GLY A 24 9.08 2.28 34.39
C GLY A 24 8.37 1.22 33.56
N LEU A 25 7.42 0.55 34.19
CA LEU A 25 6.70 -0.60 33.58
C LEU A 25 5.52 -0.10 32.72
N LEU A 26 5.00 -1.05 31.95
CA LEU A 26 3.73 -0.93 31.17
C LEU A 26 3.79 0.25 30.17
N GLN A 27 4.89 0.50 29.52
CA GLN A 27 4.98 1.64 28.56
C GLN A 27 4.34 1.32 27.23
N SER A 28 3.84 2.38 26.64
CA SER A 28 3.22 2.43 25.31
C SER A 28 3.99 3.44 24.48
N PRO A 29 3.88 3.40 23.14
CA PRO A 29 3.09 2.46 22.33
C PRO A 29 3.89 1.17 22.12
N ILE A 30 3.29 0.20 21.43
CA ILE A 30 3.85 -1.17 21.21
C ILE A 30 3.56 -1.54 19.75
N ASP A 31 4.35 -2.50 19.27
CA ASP A 31 4.07 -3.19 17.99
C ASP A 31 3.06 -4.32 18.22
N LEU A 32 1.96 -4.24 17.49
CA LEU A 32 0.90 -5.30 17.54
C LEU A 32 1.26 -6.38 16.53
N HIS A 33 1.70 -7.55 16.97
CA HIS A 33 2.15 -8.66 16.10
C HIS A 33 1.65 -9.98 16.68
N SER A 34 1.62 -10.98 15.83
CA SER A 34 0.89 -12.23 16.08
C SER A 34 1.33 -12.93 17.37
N ASP A 35 2.64 -12.96 17.67
CA ASP A 35 3.17 -13.71 18.81
C ASP A 35 2.53 -13.28 20.11
N ILE A 36 2.08 -12.03 20.23
CA ILE A 36 1.62 -11.43 21.49
C ILE A 36 0.12 -11.18 21.47
N LEU A 37 -0.58 -11.67 20.47
CA LEU A 37 -2.05 -11.44 20.37
C LEU A 37 -2.79 -12.63 20.98
N GLN A 38 -3.86 -12.36 21.69
CA GLN A 38 -4.69 -13.46 22.25
C GLN A 38 -6.15 -13.07 22.06
N TYR A 39 -6.91 -13.81 21.27
CA TYR A 39 -8.36 -13.59 21.15
C TYR A 39 -9.04 -13.67 22.51
N ASP A 40 -9.96 -12.74 22.74
CA ASP A 40 -10.73 -12.66 24.02
C ASP A 40 -12.18 -12.33 23.68
N ALA A 41 -13.08 -13.32 23.78
CA ALA A 41 -14.51 -13.12 23.41
C ALA A 41 -15.24 -12.22 24.40
N SER A 42 -14.63 -11.85 25.51
CA SER A 42 -15.25 -10.92 26.49
C SER A 42 -15.13 -9.47 26.02
N LEU A 43 -14.32 -9.21 24.99
CA LEU A 43 -14.12 -7.87 24.44
C LEU A 43 -15.31 -7.57 23.53
N THR A 44 -16.36 -7.07 24.17
CA THR A 44 -17.62 -6.72 23.47
C THR A 44 -17.55 -5.26 23.04
N PRO A 45 -18.47 -4.81 22.17
CA PRO A 45 -18.39 -3.47 21.62
C PRO A 45 -18.56 -2.40 22.69
N LEU A 46 -17.68 -1.37 22.64
CA LEU A 46 -17.85 -0.12 23.39
C LEU A 46 -19.06 0.63 22.88
N GLU A 47 -19.66 1.40 23.77
CA GLU A 47 -20.78 2.30 23.45
C GLU A 47 -20.25 3.73 23.57
N PHE A 48 -20.38 4.54 22.54
CA PHE A 48 -19.88 5.93 22.50
C PHE A 48 -21.05 6.85 22.81
N GLN A 49 -21.07 7.42 23.99
CA GLN A 49 -22.24 8.22 24.45
C GLN A 49 -21.86 9.69 24.47
N GLY A 50 -22.75 10.56 24.00
CA GLY A 50 -22.50 12.01 23.95
C GLY A 50 -21.36 12.37 23.02
N TYR A 51 -20.99 11.49 22.10
CA TYR A 51 -19.95 11.78 21.10
C TYR A 51 -20.47 12.80 20.08
N ASN A 52 -21.79 12.90 19.92
CA ASN A 52 -22.40 13.86 18.98
C ASN A 52 -22.45 15.20 19.71
N LEU A 53 -21.37 15.98 19.65
CA LEU A 53 -21.26 17.20 20.47
C LEU A 53 -22.30 18.21 19.99
N SER A 54 -22.84 18.98 20.93
CA SER A 54 -23.84 20.02 20.60
C SER A 54 -23.23 20.97 19.56
N ALA A 55 -23.89 21.22 18.41
CA ALA A 55 -23.36 22.14 17.39
C ALA A 55 -23.45 23.59 17.91
N ASN A 56 -24.15 23.84 19.02
CA ASN A 56 -24.26 25.21 19.61
C ASN A 56 -23.15 25.46 20.60
N LYS A 57 -22.26 24.49 20.80
CA LYS A 57 -21.05 24.62 21.66
C LYS A 57 -19.82 24.64 20.75
N GLN A 58 -18.78 25.25 21.29
CA GLN A 58 -17.45 25.29 20.65
C GLN A 58 -16.45 24.71 21.64
N PHE A 59 -15.41 24.10 21.10
CA PHE A 59 -14.41 23.32 21.85
C PHE A 59 -13.03 23.88 21.45
N LEU A 60 -12.18 24.06 22.43
CA LEU A 60 -10.87 24.74 22.28
C LEU A 60 -9.83 23.80 21.67
N LEU A 61 -9.28 24.23 20.54
CA LEU A 61 -8.12 23.61 19.83
C LEU A 61 -6.86 24.41 20.17
N THR A 62 -5.83 23.75 20.70
CA THR A 62 -4.62 24.41 21.22
C THR A 62 -3.41 23.72 20.61
N ASN A 63 -2.42 24.50 20.21
CA ASN A 63 -1.07 24.02 19.90
C ASN A 63 -0.28 24.15 21.20
N ASN A 64 0.03 23.04 21.86
CA ASN A 64 0.75 23.11 23.15
C ASN A 64 2.26 22.96 22.95
N GLY A 65 2.76 23.04 21.72
CA GLY A 65 4.19 22.93 21.41
C GLY A 65 4.61 21.50 21.14
N HIS A 66 3.77 20.50 21.44
CA HIS A 66 4.10 19.07 21.21
C HIS A 66 3.14 18.45 20.22
N SER A 67 1.90 18.90 20.23
CA SER A 67 0.84 18.40 19.31
C SER A 67 -0.29 19.41 19.28
N VAL A 68 -1.30 19.09 18.51
CA VAL A 68 -2.54 19.92 18.53
C VAL A 68 -3.59 19.12 19.31
N LYS A 69 -4.24 19.74 20.29
CA LYS A 69 -5.19 19.04 21.19
C LYS A 69 -6.52 19.77 21.12
N LEU A 70 -7.60 19.01 21.08
CA LEU A 70 -8.97 19.53 21.21
C LEU A 70 -9.55 19.13 22.58
N ASN A 71 -9.98 20.11 23.37
CA ASN A 71 -10.71 19.84 24.61
C ASN A 71 -12.04 19.17 24.27
N LEU A 72 -12.38 18.16 25.05
CA LEU A 72 -13.68 17.48 24.91
C LEU A 72 -14.39 17.54 26.26
N PRO A 73 -15.73 17.51 26.25
CA PRO A 73 -16.48 17.67 27.49
C PRO A 73 -16.69 16.32 28.19
N SER A 74 -16.88 16.35 29.51
CA SER A 74 -17.06 15.11 30.30
C SER A 74 -18.41 14.44 30.00
N ASP A 75 -19.31 15.13 29.26
CA ASP A 75 -20.60 14.55 28.81
C ASP A 75 -20.34 13.40 27.86
N MET A 76 -19.17 13.40 27.19
CA MET A 76 -18.75 12.31 26.31
C MET A 76 -18.28 11.15 27.17
N HIS A 77 -18.76 9.94 26.93
CA HIS A 77 -18.21 8.81 27.71
C HIS A 77 -18.28 7.51 26.97
N ILE A 78 -17.43 6.60 27.42
CA ILE A 78 -17.37 5.22 26.92
C ILE A 78 -18.16 4.40 27.92
N GLN A 79 -19.08 3.61 27.43
CA GLN A 79 -19.83 2.58 28.20
C GLN A 79 -19.38 1.22 27.67
N GLY A 80 -19.28 0.25 28.56
CA GLY A 80 -18.89 -1.11 28.16
C GLY A 80 -17.64 -1.58 28.86
N LEU A 81 -16.93 -0.69 29.57
CA LEU A 81 -15.81 -1.08 30.47
C LEU A 81 -16.36 -1.25 31.89
N GLN A 82 -15.52 -1.72 32.79
CA GLN A 82 -16.00 -1.98 34.16
C GLN A 82 -16.50 -0.66 34.75
N SER A 83 -15.78 0.44 34.54
CA SER A 83 -16.16 1.79 35.02
C SER A 83 -16.56 2.63 33.81
N ARG A 84 -17.42 3.62 34.01
CA ARG A 84 -17.62 4.67 32.99
C ARG A 84 -16.33 5.49 32.87
N TYR A 85 -15.94 5.82 31.63
CA TYR A 85 -14.85 6.78 31.34
C TYR A 85 -15.38 7.99 30.57
N SER A 86 -15.04 9.17 31.03
CA SER A 86 -15.44 10.46 30.49
C SER A 86 -14.30 11.07 29.71
N ALA A 87 -14.62 11.71 28.59
CA ALA A 87 -13.62 12.33 27.70
C ALA A 87 -13.00 13.56 28.38
N THR A 88 -11.74 13.84 28.02
CA THR A 88 -11.01 15.07 28.40
C THR A 88 -10.46 15.77 27.15
N GLN A 89 -9.90 15.03 26.19
CA GLN A 89 -9.30 15.69 25.00
C GLN A 89 -9.02 14.65 23.92
N LEU A 90 -8.84 15.12 22.69
CA LEU A 90 -8.19 14.30 21.65
C LEU A 90 -6.99 15.05 21.06
N HIS A 91 -6.05 14.28 20.50
CA HIS A 91 -4.87 14.89 19.85
C HIS A 91 -4.31 13.93 18.83
N LEU A 92 -3.28 14.34 18.09
CA LEU A 92 -2.73 13.51 17.00
C LEU A 92 -1.23 13.35 17.18
N HIS A 93 -0.71 12.36 16.48
CA HIS A 93 0.73 12.10 16.31
C HIS A 93 0.98 11.81 14.84
N TRP A 94 2.05 12.38 14.26
CA TRP A 94 2.37 12.22 12.81
C TRP A 94 3.89 12.26 12.58
N GLY A 95 4.26 11.96 11.35
CA GLY A 95 5.66 11.88 10.94
C GLY A 95 6.09 13.15 10.24
N ASN A 96 6.60 13.04 9.01
CA ASN A 96 7.06 14.23 8.27
C ASN A 96 6.97 13.89 6.80
N PRO A 97 7.05 14.89 5.89
CA PRO A 97 6.80 14.59 4.50
C PRO A 97 7.84 13.62 3.91
N ASN A 98 9.08 13.58 4.39
CA ASN A 98 10.08 12.68 3.81
C ASN A 98 9.96 11.26 4.37
N ASP A 99 9.16 11.08 5.41
CA ASP A 99 8.95 9.74 6.04
C ASP A 99 7.58 9.77 6.72
N PRO A 100 6.49 9.73 5.93
CA PRO A 100 5.13 10.00 6.39
C PRO A 100 4.47 8.76 7.03
N HIS A 101 5.10 8.32 8.09
CA HIS A 101 4.78 7.05 8.77
C HIS A 101 4.92 7.26 10.28
N GLY A 102 4.07 8.12 10.84
CA GLY A 102 4.20 8.68 12.20
C GLY A 102 3.17 8.15 13.17
N SER A 103 2.48 7.06 12.89
CA SER A 103 1.64 6.43 13.94
C SER A 103 2.53 6.05 15.12
N GLU A 104 1.94 5.91 16.28
CA GLU A 104 2.66 5.44 17.49
C GLU A 104 2.65 3.91 17.61
N HIS A 105 1.47 3.30 17.63
CA HIS A 105 1.35 1.86 17.47
C HIS A 105 1.69 1.46 16.04
N THR A 106 2.32 0.29 15.97
CA THR A 106 2.66 -0.34 14.69
C THR A 106 1.93 -1.68 14.60
N VAL A 107 1.70 -2.13 13.37
CA VAL A 107 1.03 -3.45 13.12
C VAL A 107 1.99 -4.31 12.28
N SER A 108 2.45 -5.42 12.82
CA SER A 108 3.44 -6.29 12.17
C SER A 108 4.60 -5.42 11.68
N GLY A 109 5.09 -4.53 12.53
CA GLY A 109 6.32 -3.73 12.35
C GLY A 109 6.08 -2.52 11.47
N GLN A 110 4.85 -2.33 11.00
CA GLN A 110 4.55 -1.21 10.05
C GLN A 110 3.87 -0.03 10.74
N HIS A 111 4.43 1.15 10.55
CA HIS A 111 3.69 2.39 10.93
C HIS A 111 2.57 2.69 9.93
N PHE A 112 1.52 3.26 10.46
CA PHE A 112 0.54 4.01 9.66
C PHE A 112 0.97 5.46 9.59
N ALA A 113 0.26 6.23 8.78
CA ALA A 113 0.67 7.62 8.47
C ALA A 113 0.63 8.49 9.75
N ALA A 114 -0.36 8.28 10.60
CA ALA A 114 -0.61 9.13 11.77
C ALA A 114 -1.51 8.35 12.72
N GLU A 115 -1.87 8.96 13.84
CA GLU A 115 -2.64 8.27 14.89
C GLU A 115 -3.42 9.33 15.65
N LEU A 116 -4.70 9.05 15.90
CA LEU A 116 -5.58 9.91 16.70
C LEU A 116 -5.74 9.25 18.04
N HIS A 117 -5.66 10.03 19.09
CA HIS A 117 -5.96 9.52 20.47
C HIS A 117 -7.13 10.29 21.06
N ILE A 118 -8.12 9.57 21.60
CA ILE A 118 -9.24 10.20 22.32
C ILE A 118 -9.12 9.78 23.79
N VAL A 119 -8.75 10.70 24.66
CA VAL A 119 -8.33 10.44 26.06
C VAL A 119 -9.54 10.61 26.95
N HIS A 120 -9.72 9.63 27.86
CA HIS A 120 -10.82 9.57 28.83
C HIS A 120 -10.25 9.25 30.21
N TYR A 121 -10.98 9.64 31.24
CA TYR A 121 -10.64 9.32 32.65
C TYR A 121 -11.79 8.56 33.31
N ASN A 122 -11.46 7.87 34.37
CA ASN A 122 -12.42 7.07 35.15
C ASN A 122 -13.22 8.03 36.03
N SER A 123 -14.38 8.48 35.53
CA SER A 123 -15.25 9.45 36.22
C SER A 123 -16.06 8.75 37.31
N ASP A 124 -16.14 7.42 37.33
CA ASP A 124 -16.73 6.67 38.47
C ASP A 124 -15.83 6.74 39.70
N LEU A 125 -14.52 6.66 39.53
CA LEU A 125 -13.56 6.51 40.64
C LEU A 125 -12.97 7.88 40.99
N TYR A 126 -12.91 8.83 40.04
CA TYR A 126 -12.09 10.06 40.15
C TYR A 126 -12.89 11.28 39.65
N PRO A 127 -12.73 12.46 40.28
CA PRO A 127 -13.48 13.67 39.93
C PRO A 127 -12.98 14.42 38.69
N ASP A 128 -11.82 14.08 38.14
CA ASP A 128 -11.29 14.78 36.95
C ASP A 128 -10.07 14.03 36.43
N ALA A 129 -9.61 14.40 35.24
CA ALA A 129 -8.55 13.69 34.49
C ALA A 129 -7.22 13.85 35.23
N SER A 130 -6.94 15.03 35.78
CA SER A 130 -5.63 15.29 36.43
C SER A 130 -5.51 14.38 37.66
N THR A 131 -6.58 14.24 38.45
CA THR A 131 -6.63 13.35 39.63
C THR A 131 -6.53 11.87 39.22
N ALA A 132 -7.26 11.46 38.17
CA ALA A 132 -7.27 10.06 37.69
C ALA A 132 -5.90 9.64 37.13
N SER A 133 -5.11 10.54 36.58
CA SER A 133 -3.94 10.19 35.71
C SER A 133 -2.87 9.33 36.42
N ASN A 134 -2.69 9.42 37.72
CA ASN A 134 -1.66 8.59 38.41
C ASN A 134 -2.32 7.55 39.29
N LYS A 135 -3.58 7.22 39.03
CA LYS A 135 -4.27 6.25 39.90
C LYS A 135 -4.64 5.03 39.08
N SER A 136 -4.87 3.97 39.80
CA SER A 136 -5.32 2.64 39.32
C SER A 136 -6.52 2.81 38.40
N GLU A 137 -6.41 2.24 37.22
CA GLU A 137 -7.48 2.26 36.20
C GLU A 137 -7.91 3.70 35.91
N GLY A 138 -7.01 4.66 35.93
CA GLY A 138 -7.40 6.06 35.85
C GLY A 138 -7.77 6.54 34.45
N LEU A 139 -7.19 5.97 33.41
CA LEU A 139 -7.36 6.50 32.04
C LEU A 139 -7.74 5.42 31.04
N ALA A 140 -8.47 5.79 30.00
CA ALA A 140 -8.76 4.93 28.85
C ALA A 140 -8.58 5.78 27.61
N VAL A 141 -7.79 5.29 26.68
CA VAL A 141 -7.52 6.01 25.42
C VAL A 141 -7.99 5.12 24.28
N LEU A 142 -8.74 5.73 23.38
CA LEU A 142 -9.08 5.12 22.08
C LEU A 142 -8.02 5.58 21.10
N ALA A 143 -7.44 4.65 20.35
CA ALA A 143 -6.48 4.96 19.25
C ALA A 143 -7.09 4.56 17.92
N VAL A 144 -6.98 5.50 17.00
CA VAL A 144 -7.42 5.31 15.59
C VAL A 144 -6.17 5.46 14.75
N LEU A 145 -5.82 4.40 14.03
CA LEU A 145 -4.75 4.43 13.02
C LEU A 145 -5.19 5.17 11.77
N ILE A 146 -4.31 5.98 11.21
CA ILE A 146 -4.64 6.85 10.07
C ILE A 146 -3.73 6.49 8.88
N GLU A 147 -4.37 6.07 7.81
CA GLU A 147 -3.62 5.68 6.58
C GLU A 147 -3.89 6.69 5.44
N MET A 148 -2.89 6.87 4.60
CA MET A 148 -3.04 7.68 3.37
C MET A 148 -4.06 7.03 2.44
N GLY A 149 -5.08 7.77 2.06
CA GLY A 149 -6.20 7.22 1.26
C GLY A 149 -7.15 8.30 0.79
N SER A 150 -8.45 8.06 0.90
CA SER A 150 -9.46 9.07 0.50
C SER A 150 -9.44 10.29 1.41
N PHE A 151 -9.82 11.43 0.86
CA PHE A 151 -10.20 12.65 1.65
C PHE A 151 -11.22 12.24 2.71
N ASN A 152 -11.06 12.80 3.91
CA ASN A 152 -11.95 12.54 5.05
C ASN A 152 -12.57 13.83 5.53
N PRO A 153 -13.84 14.11 5.16
CA PRO A 153 -14.48 15.37 5.53
C PRO A 153 -14.63 15.56 7.05
N SER A 154 -14.67 14.46 7.80
CA SER A 154 -14.85 14.52 9.27
C SER A 154 -13.54 14.98 9.92
N TYR A 155 -12.41 14.38 9.57
CA TYR A 155 -11.12 14.92 10.04
C TYR A 155 -10.94 16.35 9.56
N ASP A 156 -11.50 16.76 8.44
CA ASP A 156 -11.27 18.16 8.00
C ASP A 156 -11.98 19.12 8.97
N LYS A 157 -12.96 18.65 9.74
CA LYS A 157 -13.62 19.50 10.77
C LYS A 157 -12.55 19.96 11.75
N ILE A 158 -11.50 19.17 12.01
CA ILE A 158 -10.32 19.64 12.79
C ILE A 158 -9.32 20.35 11.86
N PHE A 159 -8.92 19.72 10.76
CA PHE A 159 -7.75 20.19 9.99
C PHE A 159 -7.99 21.56 9.36
N SER A 160 -9.23 21.94 9.19
CA SER A 160 -9.54 23.24 8.54
C SER A 160 -9.13 24.41 9.45
N HIS A 161 -8.72 24.14 10.68
CA HIS A 161 -8.40 25.15 11.71
C HIS A 161 -6.92 25.19 11.97
N LEU A 162 -6.15 24.30 11.35
CA LEU A 162 -4.68 24.22 11.65
C LEU A 162 -3.99 25.56 11.37
N GLN A 163 -4.44 26.32 10.36
CA GLN A 163 -3.75 27.58 10.04
C GLN A 163 -4.06 28.65 11.06
N HIS A 164 -4.85 28.38 12.09
CA HIS A 164 -5.08 29.31 13.22
C HIS A 164 -4.47 28.82 14.51
N VAL A 165 -3.76 27.70 14.50
CA VAL A 165 -3.03 27.21 15.71
C VAL A 165 -1.63 26.86 15.26
N LYS A 166 -1.02 27.63 14.36
CA LYS A 166 0.28 27.26 13.80
C LYS A 166 1.39 27.24 14.87
N TYR A 167 1.38 28.15 15.84
CA TYR A 167 2.51 28.35 16.78
C TYR A 167 2.07 27.99 18.18
N LYS A 168 3.06 27.64 19.00
CA LYS A 168 2.89 27.22 20.39
C LYS A 168 2.09 28.26 21.15
N GLY A 169 1.10 27.81 21.89
CA GLY A 169 0.24 28.66 22.72
C GLY A 169 -0.98 29.14 21.96
N GLN A 170 -1.01 29.06 20.62
CA GLN A 170 -2.17 29.57 19.83
C GLN A 170 -3.38 28.65 19.94
N GLU A 171 -4.55 29.23 19.83
CA GLU A 171 -5.84 28.62 20.17
C GLU A 171 -6.85 29.03 19.11
N ALA A 172 -7.77 28.13 18.83
CA ALA A 172 -8.93 28.35 17.94
C ALA A 172 -10.12 27.55 18.48
N PHE A 173 -11.32 27.96 18.13
CA PHE A 173 -12.53 27.23 18.57
C PHE A 173 -13.02 26.35 17.45
N VAL A 174 -13.39 25.12 17.79
CA VAL A 174 -13.99 24.16 16.84
C VAL A 174 -15.46 23.97 17.22
N PRO A 175 -16.42 24.27 16.32
CA PRO A 175 -17.85 24.02 16.59
C PRO A 175 -18.08 22.52 16.81
N GLY A 176 -18.94 22.24 17.77
CA GLY A 176 -19.34 20.85 18.06
C GLY A 176 -19.68 20.07 16.80
N PHE A 177 -19.15 18.85 16.68
CA PHE A 177 -19.51 17.86 15.62
C PHE A 177 -19.50 16.46 16.21
N ASN A 178 -19.89 15.47 15.42
CA ASN A 178 -20.01 14.07 15.89
C ASN A 178 -18.63 13.44 15.88
N ILE A 179 -18.05 13.28 17.07
CA ILE A 179 -16.66 12.73 17.18
C ILE A 179 -16.68 11.29 16.71
N GLU A 180 -17.82 10.62 16.73
CA GLU A 180 -17.87 9.21 16.26
C GLU A 180 -17.48 9.15 14.77
N GLU A 181 -17.67 10.22 13.97
CA GLU A 181 -17.25 10.27 12.55
C GLU A 181 -15.73 10.11 12.41
N LEU A 182 -14.95 10.24 13.48
CA LEU A 182 -13.47 10.10 13.43
C LEU A 182 -13.08 8.64 13.62
N LEU A 183 -14.03 7.79 13.97
CA LEU A 183 -13.76 6.36 14.25
C LEU A 183 -13.90 5.56 12.97
N PRO A 184 -13.15 4.45 12.85
CA PRO A 184 -13.13 3.59 11.67
C PRO A 184 -14.38 2.72 11.60
N GLU A 185 -14.40 1.95 10.52
CA GLU A 185 -15.42 0.88 10.29
C GLU A 185 -15.20 -0.23 11.34
N ARG A 186 -16.31 -0.81 11.78
CA ARG A 186 -16.31 -2.02 12.58
C ARG A 186 -15.49 -1.73 13.85
N THR A 187 -15.93 -0.74 14.62
CA THR A 187 -15.28 -0.42 15.91
C THR A 187 -15.37 -1.62 16.86
N ALA A 188 -16.19 -2.63 16.58
CA ALA A 188 -16.27 -3.86 17.42
C ALA A 188 -14.96 -4.65 17.35
N GLU A 189 -14.15 -4.43 16.33
CA GLU A 189 -12.83 -5.06 16.11
C GLU A 189 -11.72 -4.18 16.67
N TYR A 190 -11.07 -4.63 17.73
CA TYR A 190 -10.02 -3.83 18.40
C TYR A 190 -9.02 -4.71 19.11
N TYR A 191 -7.87 -4.10 19.36
CA TYR A 191 -6.83 -4.55 20.30
C TYR A 191 -7.00 -3.86 21.65
N ARG A 192 -6.80 -4.59 22.74
CA ARG A 192 -6.93 -4.08 24.11
C ARG A 192 -5.67 -4.44 24.87
N TYR A 193 -5.03 -3.49 25.55
CA TYR A 193 -3.94 -3.85 26.46
C TYR A 193 -3.77 -2.78 27.53
N ARG A 194 -3.05 -3.14 28.57
CA ARG A 194 -2.69 -2.24 29.70
C ARG A 194 -1.36 -1.57 29.40
N GLY A 195 -1.38 -0.24 29.36
CA GLY A 195 -0.15 0.50 29.02
C GLY A 195 -0.13 1.85 29.69
N SER A 196 0.44 2.83 29.01
CA SER A 196 0.82 4.14 29.60
C SER A 196 0.49 5.29 28.66
N LEU A 197 0.53 6.51 29.20
CA LEU A 197 0.68 7.71 28.35
C LEU A 197 1.91 7.47 27.50
N THR A 198 1.84 7.95 26.26
CA THR A 198 2.99 7.82 25.34
C THR A 198 3.84 9.07 25.34
N THR A 199 3.44 10.03 26.15
CA THR A 199 4.24 11.23 26.46
C THR A 199 4.46 11.37 27.96
N PRO A 200 5.50 12.13 28.38
CA PRO A 200 5.62 12.54 29.76
C PRO A 200 4.26 12.99 30.25
N PRO A 201 3.86 12.65 31.48
CA PRO A 201 4.68 11.90 32.44
C PRO A 201 4.71 10.38 32.31
N CYS A 202 4.13 9.82 31.23
CA CYS A 202 4.26 8.37 30.89
C CYS A 202 3.58 7.47 31.94
N ASN A 203 2.53 7.96 32.60
CA ASN A 203 1.91 7.22 33.73
C ASN A 203 1.41 5.88 33.20
N PRO A 204 1.64 4.76 33.93
CA PRO A 204 1.24 3.40 33.49
C PRO A 204 -0.21 3.10 33.89
N THR A 205 -1.14 3.98 33.53
CA THR A 205 -2.53 4.00 34.04
C THR A 205 -3.57 3.94 32.91
N VAL A 206 -3.14 3.60 31.70
CA VAL A 206 -4.01 3.66 30.51
C VAL A 206 -4.46 2.29 30.09
N LEU A 207 -5.77 2.11 29.98
CA LEU A 207 -6.36 0.95 29.28
C LEU A 207 -6.51 1.40 27.81
N TRP A 208 -5.73 0.79 26.93
CA TRP A 208 -5.67 1.13 25.49
C TRP A 208 -6.67 0.29 24.72
N THR A 209 -7.39 0.93 23.85
CA THR A 209 -8.20 0.28 22.80
C THR A 209 -7.72 0.84 21.46
N VAL A 210 -7.07 -0.01 20.64
CA VAL A 210 -6.58 0.40 19.29
C VAL A 210 -7.53 -0.25 18.30
N PHE A 211 -8.29 0.53 17.56
CA PHE A 211 -9.19 -0.11 16.59
C PHE A 211 -8.33 -0.87 15.58
N ARG A 212 -8.85 -2.00 15.13
CA ARG A 212 -8.20 -2.84 14.13
C ARG A 212 -8.09 -2.09 12.79
N ASN A 213 -9.14 -1.40 12.32
CA ASN A 213 -9.19 -0.83 10.96
C ASN A 213 -8.76 0.61 11.02
N PRO A 214 -7.87 1.02 10.11
CA PRO A 214 -7.51 2.43 10.03
C PRO A 214 -8.62 3.25 9.38
N VAL A 215 -8.59 4.54 9.61
CA VAL A 215 -9.31 5.52 8.74
C VAL A 215 -8.34 6.03 7.68
N GLN A 216 -8.91 6.60 6.65
CA GLN A 216 -8.13 7.22 5.62
C GLN A 216 -8.28 8.73 5.65
N ILE A 217 -7.20 9.46 5.45
CA ILE A 217 -7.19 10.89 5.08
C ILE A 217 -6.37 11.04 3.79
N SER A 218 -6.52 12.12 3.08
CA SER A 218 -5.80 12.24 1.79
C SER A 218 -4.33 12.60 2.04
N GLN A 219 -3.50 12.40 1.04
CA GLN A 219 -2.13 12.93 1.02
C GLN A 219 -2.17 14.43 1.33
N GLU A 220 -3.17 15.13 0.85
CA GLU A 220 -3.17 16.60 0.98
C GLU A 220 -3.45 17.00 2.44
N GLN A 221 -4.34 16.24 3.08
CA GLN A 221 -4.67 16.44 4.49
C GLN A 221 -3.46 16.07 5.33
N LEU A 222 -2.83 14.95 5.03
CA LEU A 222 -1.61 14.54 5.78
C LEU A 222 -0.54 15.62 5.64
N LEU A 223 -0.29 16.11 4.43
CA LEU A 223 0.78 17.11 4.18
C LEU A 223 0.45 18.38 4.93
N ALA A 224 -0.80 18.78 4.99
CA ALA A 224 -1.19 19.95 5.83
C ALA A 224 -0.87 19.67 7.33
N LEU A 225 -1.24 18.51 7.86
CA LEU A 225 -0.94 18.17 9.28
C LEU A 225 0.57 18.20 9.54
N GLU A 226 1.38 17.69 8.62
CA GLU A 226 2.86 17.59 8.76
C GLU A 226 3.55 18.94 8.57
N THR A 227 2.90 19.93 7.95
CA THR A 227 3.58 21.20 7.54
C THR A 227 2.96 22.44 8.18
N ALA A 228 1.82 22.38 8.86
CA ALA A 228 1.13 23.60 9.31
C ALA A 228 1.71 24.11 10.60
N LEU A 229 2.27 23.25 11.44
CA LEU A 229 2.45 23.54 12.90
C LEU A 229 3.90 23.60 13.28
N TYR A 230 4.16 24.39 14.31
CA TYR A 230 5.50 24.64 14.85
C TYR A 230 5.45 24.45 16.34
N CYS A 231 6.59 24.00 16.89
CA CYS A 231 6.81 23.77 18.33
CA CYS A 231 6.73 23.80 18.35
C CYS A 231 7.16 25.10 19.02
N THR A 232 7.47 26.15 18.26
CA THR A 232 7.98 27.44 18.78
C THR A 232 6.86 28.49 18.78
N HIS A 233 6.99 29.53 19.59
CA HIS A 233 6.04 30.67 19.67
C HIS A 233 6.12 31.51 18.39
N MET A 234 5.04 32.19 18.06
CA MET A 234 4.99 32.98 16.81
C MET A 234 6.12 34.04 16.82
N ASP A 235 6.47 34.55 18.00
CA ASP A 235 7.42 35.68 18.17
C ASP A 235 8.86 35.17 18.12
N ASP A 236 9.06 33.87 17.83
CA ASP A 236 10.41 33.24 17.74
C ASP A 236 10.87 33.36 16.30
N PRO A 237 11.95 34.12 16.00
CA PRO A 237 12.45 34.17 14.63
C PRO A 237 13.29 32.94 14.21
N SER A 238 13.39 31.90 15.07
CA SER A 238 14.01 30.58 14.78
C SER A 238 12.98 29.44 14.82
N PRO A 239 12.01 29.41 13.89
CA PRO A 239 10.86 28.50 14.01
C PRO A 239 11.32 27.05 13.89
N ARG A 240 10.70 26.13 14.66
CA ARG A 240 11.00 24.67 14.62
C ARG A 240 9.72 23.93 14.26
N GLU A 241 9.75 23.22 13.12
CA GLU A 241 8.58 22.47 12.61
C GLU A 241 8.13 21.43 13.65
N MET A 242 6.81 21.26 13.77
CA MET A 242 6.24 20.18 14.61
C MET A 242 6.06 18.97 13.72
N ILE A 243 6.99 18.02 13.81
CA ILE A 243 7.05 16.77 13.02
C ILE A 243 7.52 15.61 13.90
N ASN A 244 7.22 14.40 13.47
CA ASN A 244 7.74 13.17 14.10
C ASN A 244 7.44 13.19 15.59
N ASN A 245 6.22 13.57 15.96
CA ASN A 245 5.83 13.72 17.38
C ASN A 245 5.19 12.41 17.82
N PHE A 246 5.92 11.32 17.61
CA PHE A 246 5.49 9.98 18.06
C PHE A 246 6.62 9.37 18.86
N ARG A 247 6.27 8.49 19.78
CA ARG A 247 7.25 7.72 20.58
C ARG A 247 7.59 6.41 19.89
N GLN A 248 8.83 5.94 19.90
CA GLN A 248 9.16 4.60 19.40
C GLN A 248 8.42 3.56 20.19
N VAL A 249 8.14 2.42 19.54
CA VAL A 249 7.51 1.31 20.29
C VAL A 249 8.41 0.80 21.43
N GLN A 250 7.80 0.23 22.45
CA GLN A 250 8.43 -0.15 23.74
C GLN A 250 8.59 -1.64 23.75
N LYS A 251 9.48 -2.16 24.58
CA LYS A 251 9.50 -3.60 24.91
C LYS A 251 8.16 -4.02 25.53
N PHE A 252 7.77 -5.24 25.21
CA PHE A 252 6.50 -5.88 25.60
C PHE A 252 6.80 -7.37 25.78
N ASP A 253 7.33 -7.77 26.95
CA ASP A 253 7.43 -9.22 27.30
C ASP A 253 6.64 -9.46 28.59
N GLU A 254 6.11 -10.68 28.72
CA GLU A 254 5.13 -11.07 29.77
C GLU A 254 4.00 -10.02 29.84
N ARG A 255 3.70 -9.35 28.71
CA ARG A 255 2.44 -8.59 28.51
C ARG A 255 1.76 -9.23 27.28
N LEU A 256 0.43 -9.39 27.26
CA LEU A 256 -0.28 -9.81 26.03
C LEU A 256 -1.19 -8.68 25.56
N VAL A 257 -1.50 -8.71 24.29
CA VAL A 257 -2.57 -7.87 23.72
C VAL A 257 -3.78 -8.76 23.46
N TYR A 258 -4.93 -8.35 23.94
CA TYR A 258 -6.19 -9.10 23.74
C TYR A 258 -6.92 -8.54 22.52
N THR A 259 -7.50 -9.38 21.70
CA THR A 259 -8.22 -8.96 20.49
C THR A 259 -9.68 -9.42 20.52
N SER A 260 -10.53 -8.60 19.91
CA SER A 260 -11.98 -8.94 19.82
C SER A 260 -12.26 -9.68 18.52
N PHE A 261 -11.24 -9.82 17.67
CA PHE A 261 -11.26 -10.52 16.37
C PHE A 261 -10.21 -11.62 16.43
N SER A 262 -10.31 -12.68 15.64
CA SER A 262 -9.27 -13.74 15.65
C SER A 262 -8.43 -13.68 14.38
N LYS B 3 -13.93 19.37 -9.85
CA LYS B 3 -14.30 18.25 -8.88
C LYS B 3 -14.22 16.88 -9.57
N TRP B 4 -15.01 16.42 -10.57
CA TRP B 4 -14.63 15.15 -11.25
C TRP B 4 -14.81 15.29 -12.75
N THR B 5 -13.99 14.60 -13.52
CA THR B 5 -14.00 14.65 -14.99
C THR B 5 -13.78 13.24 -15.55
N TYR B 6 -13.68 13.14 -16.87
CA TYR B 6 -13.29 11.90 -17.58
C TYR B 6 -11.92 11.98 -18.21
N PHE B 7 -11.18 13.04 -17.96
CA PHE B 7 -9.87 13.25 -18.61
C PHE B 7 -8.96 14.08 -17.72
N GLY B 8 -7.73 13.63 -17.56
CA GLY B 8 -6.71 14.43 -16.85
C GLY B 8 -6.74 14.20 -15.35
N PRO B 9 -6.27 15.12 -14.50
CA PRO B 9 -6.05 14.84 -13.07
C PRO B 9 -7.30 14.40 -12.29
N ASP B 10 -8.46 14.93 -12.66
CA ASP B 10 -9.73 14.61 -11.96
C ASP B 10 -10.51 13.49 -12.66
N GLY B 11 -9.84 12.76 -13.54
CA GLY B 11 -10.40 11.58 -14.24
C GLY B 11 -10.62 10.36 -13.34
N GLU B 12 -11.16 9.33 -13.98
CA GLU B 12 -11.79 8.21 -13.26
C GLU B 12 -10.83 7.47 -12.34
N ASN B 13 -9.52 7.44 -12.59
CA ASN B 13 -8.65 6.68 -11.66
C ASN B 13 -8.49 7.47 -10.35
N SER B 14 -8.93 8.73 -10.30
CA SER B 14 -8.81 9.61 -9.12
C SER B 14 -10.14 9.79 -8.41
N TRP B 15 -11.25 9.30 -8.95
CA TRP B 15 -12.60 9.56 -8.37
C TRP B 15 -12.62 9.06 -6.90
N SER B 16 -11.97 7.92 -6.65
CA SER B 16 -11.98 7.29 -5.31
C SER B 16 -11.39 8.22 -4.22
N LYS B 17 -10.57 9.16 -4.58
CA LYS B 17 -9.98 10.06 -3.57
C LYS B 17 -11.07 10.85 -2.86
N LYS B 18 -12.03 11.43 -3.56
CA LYS B 18 -13.10 12.26 -2.95
C LYS B 18 -14.41 11.51 -2.89
N TYR B 19 -14.57 10.38 -3.59
CA TYR B 19 -15.84 9.62 -3.67
C TYR B 19 -15.50 8.17 -3.42
N PRO B 20 -15.32 7.76 -2.14
CA PRO B 20 -14.73 6.48 -1.84
C PRO B 20 -15.43 5.27 -2.45
N SER B 21 -16.73 5.37 -2.65
CA SER B 21 -17.48 4.20 -3.20
C SER B 21 -16.98 3.90 -4.62
N CYS B 22 -16.36 4.86 -5.30
CA CYS B 22 -15.77 4.62 -6.64
C CYS B 22 -14.65 3.59 -6.60
N GLY B 23 -14.09 3.33 -5.42
CA GLY B 23 -13.05 2.28 -5.29
C GLY B 23 -13.58 1.09 -4.53
N GLY B 24 -14.86 1.04 -4.29
CA GLY B 24 -15.48 -0.07 -3.56
C GLY B 24 -16.01 -1.17 -4.45
N LEU B 25 -16.96 -1.89 -3.86
CA LEU B 25 -17.58 -3.09 -4.47
C LEU B 25 -18.64 -2.68 -5.49
N LEU B 26 -19.03 -3.69 -6.24
CA LEU B 26 -20.24 -3.71 -7.09
C LEU B 26 -20.17 -2.57 -8.12
N GLN B 27 -19.01 -2.23 -8.66
CA GLN B 27 -18.87 -1.06 -9.59
C GLN B 27 -19.32 -1.42 -11.01
N SER B 28 -19.93 -0.43 -11.66
CA SER B 28 -20.34 -0.50 -13.09
C SER B 28 -19.57 0.55 -13.86
N PRO B 29 -19.51 0.47 -15.21
CA PRO B 29 -20.06 -0.60 -16.02
C PRO B 29 -19.13 -1.79 -16.14
N ILE B 30 -19.58 -2.82 -16.86
CA ILE B 30 -18.87 -4.09 -17.04
C ILE B 30 -18.98 -4.55 -18.46
N ASP B 31 -18.07 -5.42 -18.82
CA ASP B 31 -18.11 -6.21 -20.07
C ASP B 31 -19.03 -7.40 -19.90
N LEU B 32 -20.07 -7.43 -20.70
CA LEU B 32 -21.06 -8.53 -20.76
C LEU B 32 -20.52 -9.60 -21.70
N HIS B 33 -19.94 -10.68 -21.16
CA HIS B 33 -19.32 -11.77 -21.95
C HIS B 33 -19.69 -13.12 -21.36
N SER B 34 -19.58 -14.14 -22.20
CA SER B 34 -20.10 -15.50 -21.94
C SER B 34 -19.66 -16.02 -20.56
N ASP B 35 -18.41 -15.84 -20.14
CA ASP B 35 -17.95 -16.50 -18.90
C ASP B 35 -18.68 -16.03 -17.63
N ILE B 36 -19.34 -14.88 -17.63
CA ILE B 36 -20.02 -14.32 -16.43
C ILE B 36 -21.54 -14.28 -16.64
N LEU B 37 -22.04 -14.86 -17.71
CA LEU B 37 -23.51 -14.83 -18.02
C LEU B 37 -24.15 -16.12 -17.54
N GLN B 38 -25.39 -16.00 -17.08
CA GLN B 38 -26.23 -17.17 -16.77
C GLN B 38 -27.67 -16.89 -17.14
N TYR B 39 -28.27 -17.80 -17.91
CA TYR B 39 -29.66 -17.62 -18.41
C TYR B 39 -30.55 -17.87 -17.19
N ASP B 40 -31.43 -16.91 -16.91
CA ASP B 40 -32.43 -16.97 -15.83
C ASP B 40 -33.80 -16.79 -16.46
N ALA B 41 -34.46 -17.92 -16.62
CA ALA B 41 -35.81 -17.98 -17.19
C ALA B 41 -36.86 -17.34 -16.29
N SER B 42 -36.58 -17.00 -15.04
CA SER B 42 -37.55 -16.27 -14.17
C SER B 42 -37.64 -14.78 -14.56
N LEU B 43 -36.66 -14.25 -15.26
CA LEU B 43 -36.64 -12.80 -15.58
C LEU B 43 -37.77 -12.45 -16.57
N THR B 44 -38.73 -11.72 -16.09
CA THR B 44 -39.97 -11.40 -16.83
C THR B 44 -39.78 -10.09 -17.55
N PRO B 45 -40.61 -9.83 -18.57
CA PRO B 45 -40.56 -8.56 -19.25
C PRO B 45 -40.92 -7.47 -18.26
N LEU B 46 -40.19 -6.39 -18.33
CA LEU B 46 -40.59 -5.12 -17.70
C LEU B 46 -41.78 -4.53 -18.47
N GLU B 47 -42.60 -3.81 -17.72
CA GLU B 47 -43.69 -2.96 -18.25
C GLU B 47 -43.31 -1.48 -18.05
N PHE B 48 -43.36 -0.72 -19.10
CA PHE B 48 -42.99 0.72 -19.12
C PHE B 48 -44.29 1.51 -19.02
N GLN B 49 -44.60 2.02 -17.83
CA GLN B 49 -45.91 2.64 -17.57
C GLN B 49 -45.73 4.14 -17.45
N GLY B 50 -46.60 4.91 -18.10
CA GLY B 50 -46.52 6.37 -18.04
C GLY B 50 -45.38 6.91 -18.89
N TYR B 51 -44.75 6.11 -19.75
CA TYR B 51 -43.65 6.51 -20.65
C TYR B 51 -44.13 7.38 -21.80
N ASN B 52 -45.42 7.30 -22.15
CA ASN B 52 -45.99 8.11 -23.26
C ASN B 52 -46.28 9.50 -22.70
N LEU B 53 -45.26 10.34 -22.65
CA LEU B 53 -45.38 11.63 -21.96
C LEU B 53 -46.37 12.51 -22.71
N SER B 54 -47.15 13.23 -21.96
CA SER B 54 -48.18 14.13 -22.52
C SER B 54 -47.51 15.03 -23.56
N ALA B 55 -48.02 15.00 -24.77
CA ALA B 55 -47.53 15.85 -25.87
C ALA B 55 -47.81 17.33 -25.52
N ASN B 56 -48.75 17.64 -24.63
CA ASN B 56 -49.11 19.02 -24.20
C ASN B 56 -48.18 19.54 -23.11
N LYS B 57 -47.31 18.69 -22.56
CA LYS B 57 -46.32 19.10 -21.53
C LYS B 57 -44.92 19.25 -22.15
N GLN B 58 -44.02 19.88 -21.41
CA GLN B 58 -42.59 20.07 -21.81
C GLN B 58 -41.72 19.62 -20.64
N PHE B 59 -40.55 19.08 -20.97
CA PHE B 59 -39.61 18.48 -20.02
C PHE B 59 -38.25 19.15 -20.17
N LEU B 60 -37.60 19.42 -19.05
CA LEU B 60 -36.35 20.20 -19.02
C LEU B 60 -35.14 19.37 -19.47
N LEU B 61 -34.41 19.87 -20.45
CA LEU B 61 -33.13 19.30 -20.93
C LEU B 61 -32.02 20.23 -20.43
N THR B 62 -31.02 19.71 -19.76
CA THR B 62 -29.93 20.53 -19.17
C THR B 62 -28.55 19.99 -19.58
N ASN B 63 -27.63 20.84 -20.01
CA ASN B 63 -26.19 20.52 -20.00
C ASN B 63 -25.68 20.73 -18.59
N ASN B 64 -25.39 19.66 -17.88
CA ASN B 64 -24.91 19.85 -16.49
C ASN B 64 -23.41 19.80 -16.39
N GLY B 65 -22.67 19.85 -17.49
CA GLY B 65 -21.20 19.85 -17.48
C GLY B 65 -20.60 18.49 -17.62
N HIS B 66 -21.34 17.42 -17.35
CA HIS B 66 -20.87 16.03 -17.55
C HIS B 66 -21.64 15.31 -18.68
N SER B 67 -22.90 15.63 -18.86
CA SER B 67 -23.79 14.99 -19.87
C SER B 67 -24.91 15.97 -20.19
N VAL B 68 -25.76 15.54 -21.08
CA VAL B 68 -27.05 16.23 -21.30
C VAL B 68 -28.13 15.36 -20.66
N LYS B 69 -28.97 15.95 -19.85
CA LYS B 69 -29.92 15.19 -19.03
C LYS B 69 -31.31 15.74 -19.30
N LEU B 70 -32.28 14.87 -19.43
CA LEU B 70 -33.71 15.21 -19.52
C LEU B 70 -34.40 14.83 -18.24
N ASN B 71 -35.08 15.80 -17.64
CA ASN B 71 -35.87 15.49 -16.42
C ASN B 71 -37.12 14.71 -16.83
N LEU B 72 -37.49 13.73 -16.01
CA LEU B 72 -38.66 12.88 -16.26
C LEU B 72 -39.60 12.96 -15.07
N PRO B 73 -40.90 12.76 -15.31
CA PRO B 73 -41.86 12.85 -14.22
C PRO B 73 -42.03 11.53 -13.45
N SER B 74 -42.37 11.65 -12.18
CA SER B 74 -42.38 10.45 -11.32
C SER B 74 -43.65 9.64 -11.60
N ASP B 75 -44.59 10.03 -12.47
CA ASP B 75 -45.66 9.05 -12.84
C ASP B 75 -45.17 8.05 -13.86
N MET B 76 -43.94 8.23 -14.37
CA MET B 76 -43.34 7.24 -15.24
C MET B 76 -42.72 6.15 -14.36
N HIS B 77 -43.05 4.89 -14.60
CA HIS B 77 -42.35 3.86 -13.81
C HIS B 77 -42.20 2.54 -14.54
N ILE B 78 -41.37 1.71 -13.93
CA ILE B 78 -41.13 0.30 -14.35
C ILE B 78 -42.05 -0.55 -13.46
N GLN B 79 -42.80 -1.46 -14.09
CA GLN B 79 -43.48 -2.57 -13.38
C GLN B 79 -42.75 -3.86 -13.75
N GLY B 80 -42.70 -4.82 -12.85
CA GLY B 80 -42.01 -6.11 -13.12
C GLY B 80 -41.02 -6.45 -12.04
N LEU B 81 -40.41 -5.47 -11.39
CA LEU B 81 -39.45 -5.72 -10.30
C LEU B 81 -40.21 -5.90 -8.98
N GLN B 82 -39.53 -6.18 -7.89
CA GLN B 82 -40.21 -6.52 -6.61
C GLN B 82 -40.86 -5.27 -6.02
N SER B 83 -40.31 -4.12 -6.36
CA SER B 83 -40.89 -2.81 -6.00
C SER B 83 -41.12 -2.03 -7.29
N ARG B 84 -42.07 -1.09 -7.26
CA ARG B 84 -42.15 -0.07 -8.33
C ARG B 84 -40.92 0.82 -8.29
N TYR B 85 -40.41 1.13 -9.47
CA TYR B 85 -39.35 2.14 -9.64
C TYR B 85 -39.86 3.27 -10.52
N SER B 86 -39.79 4.49 -9.99
CA SER B 86 -40.31 5.70 -10.65
C SER B 86 -39.15 6.44 -11.33
N ALA B 87 -39.36 7.00 -12.52
CA ALA B 87 -38.28 7.69 -13.27
C ALA B 87 -37.94 9.01 -12.62
N THR B 88 -36.68 9.42 -12.80
CA THR B 88 -36.24 10.76 -12.42
C THR B 88 -35.64 11.49 -13.63
N GLN B 89 -34.83 10.82 -14.45
CA GLN B 89 -34.10 11.51 -15.53
C GLN B 89 -33.60 10.50 -16.55
N LEU B 90 -33.30 10.98 -17.76
CA LEU B 90 -32.41 10.16 -18.62
C LEU B 90 -31.21 11.00 -19.03
N HIS B 91 -30.15 10.36 -19.48
CA HIS B 91 -28.92 11.03 -19.93
C HIS B 91 -28.13 10.07 -20.81
N LEU B 92 -27.05 10.56 -21.40
CA LEU B 92 -26.26 9.75 -22.35
C LEU B 92 -24.79 9.78 -22.01
N HIS B 93 -24.09 8.82 -22.61
CA HIS B 93 -22.61 8.69 -22.61
C HIS B 93 -22.12 8.45 -24.03
N TRP B 94 -21.02 9.05 -24.43
CA TRP B 94 -20.50 8.87 -25.77
C TRP B 94 -19.00 9.08 -25.83
N GLY B 95 -18.44 8.90 -27.03
CA GLY B 95 -16.98 8.95 -27.25
C GLY B 95 -16.55 10.24 -27.93
N ASN B 96 -15.89 10.15 -29.07
CA ASN B 96 -15.40 11.36 -29.76
C ASN B 96 -15.30 11.02 -31.23
N PRO B 97 -15.18 12.05 -32.11
CA PRO B 97 -15.26 11.76 -33.55
C PRO B 97 -14.13 10.90 -34.11
N ASN B 98 -12.99 10.92 -33.41
CA ASN B 98 -11.80 10.19 -33.89
C ASN B 98 -11.95 8.72 -33.50
N ASP B 99 -12.76 8.43 -32.48
CA ASP B 99 -12.97 7.08 -31.93
C ASP B 99 -14.38 7.02 -31.37
N PRO B 100 -15.37 6.81 -32.25
CA PRO B 100 -16.78 6.96 -31.91
C PRO B 100 -17.33 5.72 -31.23
N HIS B 101 -16.74 5.37 -30.11
CA HIS B 101 -17.07 4.13 -29.35
C HIS B 101 -17.05 4.52 -27.88
N GLY B 102 -18.17 5.01 -27.41
CA GLY B 102 -18.26 5.56 -26.04
C GLY B 102 -19.41 5.02 -25.21
N SER B 103 -19.90 3.83 -25.51
CA SER B 103 -20.83 3.19 -24.55
C SER B 103 -20.08 2.95 -23.26
N GLU B 104 -20.85 2.68 -22.20
CA GLU B 104 -20.27 2.35 -20.88
C GLU B 104 -20.16 0.81 -20.83
N HIS B 105 -21.27 0.10 -20.97
CA HIS B 105 -21.22 -1.38 -21.11
C HIS B 105 -20.63 -1.75 -22.45
N THR B 106 -19.99 -2.90 -22.42
CA THR B 106 -19.47 -3.57 -23.62
C THR B 106 -20.09 -4.95 -23.71
N VAL B 107 -20.16 -5.49 -24.91
CA VAL B 107 -20.68 -6.85 -25.17
C VAL B 107 -19.60 -7.63 -25.92
N SER B 108 -19.14 -8.69 -25.26
CA SER B 108 -18.01 -9.52 -25.74
C SER B 108 -16.91 -8.57 -26.20
N GLY B 109 -16.58 -7.60 -25.34
CA GLY B 109 -15.42 -6.71 -25.51
C GLY B 109 -15.74 -5.51 -26.37
N GLN B 110 -16.91 -5.48 -26.96
CA GLN B 110 -17.18 -4.46 -27.98
C GLN B 110 -17.87 -3.26 -27.35
N HIS B 111 -17.31 -2.10 -27.62
CA HIS B 111 -17.98 -0.83 -27.26
C HIS B 111 -18.94 -0.46 -28.37
N PHE B 112 -20.11 0.01 -28.00
CA PHE B 112 -21.09 0.63 -28.93
C PHE B 112 -20.79 2.12 -29.03
N ALA B 113 -21.42 2.84 -29.95
CA ALA B 113 -21.12 4.26 -30.21
C ALA B 113 -21.42 5.09 -28.95
N ALA B 114 -22.51 4.75 -28.24
CA ALA B 114 -23.06 5.58 -27.17
C ALA B 114 -23.96 4.70 -26.31
N GLU B 115 -24.45 5.29 -25.22
CA GLU B 115 -25.39 4.58 -24.35
C GLU B 115 -26.37 5.58 -23.76
N LEU B 116 -27.61 5.15 -23.62
CA LEU B 116 -28.67 5.95 -22.98
C LEU B 116 -28.97 5.28 -21.63
N HIS B 117 -29.13 6.09 -20.59
CA HIS B 117 -29.50 5.62 -19.22
C HIS B 117 -30.81 6.29 -18.83
N ILE B 118 -31.80 5.51 -18.51
CA ILE B 118 -33.06 6.01 -17.92
C ILE B 118 -33.07 5.61 -16.44
N VAL B 119 -32.95 6.64 -15.58
CA VAL B 119 -32.72 6.42 -14.13
C VAL B 119 -34.05 6.41 -13.40
N HIS B 120 -34.23 5.43 -12.52
CA HIS B 120 -35.41 5.27 -11.67
C HIS B 120 -35.02 5.01 -10.21
N TYR B 121 -35.91 5.32 -9.29
CA TYR B 121 -35.66 5.07 -7.84
C TYR B 121 -36.80 4.25 -7.29
N ASN B 122 -36.59 3.54 -6.16
CA ASN B 122 -37.63 2.72 -5.50
C ASN B 122 -38.55 3.64 -4.73
N SER B 123 -39.68 3.96 -5.35
CA SER B 123 -40.72 4.88 -4.81
C SER B 123 -41.65 4.13 -3.88
N ASP B 124 -41.62 2.82 -3.88
CA ASP B 124 -42.37 2.07 -2.82
C ASP B 124 -41.71 2.22 -1.48
N LEU B 125 -40.40 2.09 -1.43
CA LEU B 125 -39.68 2.08 -0.13
C LEU B 125 -39.22 3.48 0.25
N TYR B 126 -38.96 4.38 -0.71
CA TYR B 126 -38.24 5.65 -0.44
C TYR B 126 -39.06 6.83 -0.95
N PRO B 127 -39.01 7.95 -0.23
CA PRO B 127 -39.83 9.11 -0.57
C PRO B 127 -39.27 9.91 -1.77
N ASP B 128 -37.99 9.71 -2.12
CA ASP B 128 -37.27 10.48 -3.16
C ASP B 128 -36.00 9.72 -3.58
N ALA B 129 -35.44 10.13 -4.70
CA ALA B 129 -34.29 9.48 -5.35
C ALA B 129 -33.04 9.68 -4.49
N SER B 130 -32.90 10.85 -3.85
CA SER B 130 -31.75 11.17 -2.97
C SER B 130 -31.65 10.16 -1.82
N THR B 131 -32.75 9.92 -1.11
CA THR B 131 -32.86 8.94 -0.02
C THR B 131 -32.56 7.53 -0.52
N ALA B 132 -33.19 7.13 -1.64
CA ALA B 132 -33.04 5.83 -2.30
C ALA B 132 -31.58 5.56 -2.71
N SER B 133 -30.87 6.60 -3.13
CA SER B 133 -29.58 6.48 -3.86
C SER B 133 -28.52 5.78 -3.03
N ASN B 134 -28.59 5.88 -1.72
CA ASN B 134 -27.46 5.33 -0.93
C ASN B 134 -28.08 4.21 -0.11
N LYS B 135 -29.25 3.74 -0.52
CA LYS B 135 -30.02 2.76 0.25
C LYS B 135 -30.15 1.47 -0.55
N SER B 136 -30.31 0.41 0.20
CA SER B 136 -30.59 -0.94 -0.34
C SER B 136 -31.74 -0.85 -1.36
N GLU B 137 -31.61 -1.61 -2.44
CA GLU B 137 -32.58 -1.68 -3.56
C GLU B 137 -32.97 -0.27 -4.06
N GLY B 138 -32.06 0.69 -4.00
CA GLY B 138 -32.51 2.07 -4.15
C GLY B 138 -32.85 2.45 -5.58
N LEU B 139 -32.05 2.05 -6.56
CA LEU B 139 -32.11 2.63 -7.93
C LEU B 139 -32.23 1.47 -8.90
N ALA B 140 -32.85 1.80 -10.03
CA ALA B 140 -32.95 0.88 -11.19
C ALA B 140 -32.67 1.74 -12.40
N VAL B 141 -31.71 1.32 -13.20
CA VAL B 141 -31.35 2.05 -14.43
C VAL B 141 -31.56 1.15 -15.63
N LEU B 142 -32.19 1.68 -16.65
CA LEU B 142 -32.32 0.97 -17.93
C LEU B 142 -31.23 1.50 -18.84
N ALA B 143 -30.51 0.59 -19.50
CA ALA B 143 -29.42 0.99 -20.41
C ALA B 143 -29.79 0.56 -21.84
N VAL B 144 -29.68 1.48 -22.77
CA VAL B 144 -29.84 1.19 -24.21
C VAL B 144 -28.50 1.41 -24.89
N LEU B 145 -27.98 0.38 -25.57
CA LEU B 145 -26.76 0.50 -26.37
C LEU B 145 -27.08 1.17 -27.70
N ILE B 146 -26.26 2.07 -28.18
CA ILE B 146 -26.52 2.86 -29.40
C ILE B 146 -25.40 2.60 -30.37
N GLU B 147 -25.78 2.25 -31.62
CA GLU B 147 -24.81 2.08 -32.73
C GLU B 147 -25.12 3.08 -33.81
N MET B 148 -24.13 3.30 -34.62
CA MET B 148 -24.31 4.16 -35.80
C MET B 148 -25.03 3.41 -36.91
N GLY B 149 -25.99 4.08 -37.54
CA GLY B 149 -26.64 3.55 -38.75
C GLY B 149 -27.73 4.46 -39.21
N SER B 150 -28.98 4.05 -39.01
CA SER B 150 -30.17 4.86 -39.42
C SER B 150 -30.37 6.07 -38.51
N PHE B 151 -30.74 7.21 -39.10
CA PHE B 151 -31.37 8.35 -38.36
C PHE B 151 -32.48 7.76 -37.51
N ASN B 152 -32.62 8.31 -36.31
CA ASN B 152 -33.63 7.89 -35.32
C ASN B 152 -34.51 9.06 -34.96
N PRO B 153 -35.78 9.10 -35.43
CA PRO B 153 -36.61 10.28 -35.21
C PRO B 153 -37.00 10.44 -33.74
N SER B 154 -36.99 9.37 -32.95
CA SER B 154 -37.34 9.44 -31.52
C SER B 154 -36.15 10.05 -30.78
N TYR B 155 -34.92 9.61 -31.01
CA TYR B 155 -33.74 10.25 -30.37
C TYR B 155 -33.63 11.71 -30.84
N ASP B 156 -34.04 12.05 -32.07
CA ASP B 156 -33.96 13.44 -32.56
C ASP B 156 -34.89 14.37 -31.77
N LYS B 157 -35.90 13.84 -31.06
CA LYS B 157 -36.74 14.72 -30.20
C LYS B 157 -35.86 15.35 -29.13
N ILE B 158 -34.80 14.67 -28.72
CA ILE B 158 -33.76 15.19 -27.77
C ILE B 158 -32.72 15.93 -28.61
N PHE B 159 -32.10 15.28 -29.59
CA PHE B 159 -30.89 15.79 -30.27
C PHE B 159 -31.12 17.08 -31.04
N SER B 160 -32.35 17.31 -31.47
CA SER B 160 -32.67 18.54 -32.23
C SER B 160 -32.47 19.79 -31.36
N HIS B 161 -32.29 19.61 -30.03
CA HIS B 161 -32.09 20.74 -29.09
C HIS B 161 -30.63 20.91 -28.70
N LEU B 162 -29.72 20.09 -29.19
CA LEU B 162 -28.33 20.11 -28.67
C LEU B 162 -27.68 21.47 -28.89
N GLN B 163 -27.97 22.16 -30.01
CA GLN B 163 -27.24 23.42 -30.29
C GLN B 163 -27.79 24.53 -29.39
N HIS B 164 -28.79 24.24 -28.55
CA HIS B 164 -29.33 25.25 -27.60
C HIS B 164 -28.98 24.87 -26.16
N VAL B 165 -28.15 23.85 -25.98
CA VAL B 165 -27.63 23.47 -24.64
C VAL B 165 -26.13 23.22 -24.71
N LYS B 166 -25.43 24.00 -25.56
CA LYS B 166 -24.02 23.76 -25.88
C LYS B 166 -23.13 23.88 -24.64
N TYR B 167 -23.46 24.76 -23.72
CA TYR B 167 -22.54 25.10 -22.62
C TYR B 167 -23.17 24.76 -21.28
N LYS B 168 -22.29 24.49 -20.35
CA LYS B 168 -22.68 24.11 -18.97
C LYS B 168 -23.74 25.06 -18.39
N GLY B 169 -24.78 24.49 -17.80
CA GLY B 169 -25.91 25.23 -17.20
C GLY B 169 -26.98 25.65 -18.19
N GLN B 170 -26.78 25.47 -19.48
CA GLN B 170 -27.82 25.85 -20.46
C GLN B 170 -28.91 24.79 -20.51
N GLU B 171 -30.13 25.24 -20.75
CA GLU B 171 -31.37 24.46 -20.65
C GLU B 171 -32.21 24.67 -21.90
N ALA B 172 -33.03 23.67 -22.22
CA ALA B 172 -34.05 23.77 -23.26
C ALA B 172 -35.24 22.94 -22.86
N PHE B 173 -36.39 23.21 -23.41
CA PHE B 173 -37.61 22.46 -23.13
C PHE B 173 -37.84 21.46 -24.27
N VAL B 174 -38.18 20.24 -23.91
CA VAL B 174 -38.51 19.18 -24.88
C VAL B 174 -39.97 18.84 -24.72
N PRO B 175 -40.79 19.02 -25.79
CA PRO B 175 -42.17 18.58 -25.71
C PRO B 175 -42.25 17.08 -25.40
N GLY B 176 -43.29 16.70 -24.69
CA GLY B 176 -43.55 15.29 -24.35
C GLY B 176 -43.61 14.43 -25.57
N PHE B 177 -43.00 13.25 -25.47
CA PHE B 177 -43.07 12.19 -26.47
C PHE B 177 -42.99 10.86 -25.72
N ASN B 178 -43.18 9.79 -26.46
CA ASN B 178 -43.18 8.43 -25.91
C ASN B 178 -41.74 7.94 -25.73
N ILE B 179 -41.29 7.94 -24.49
CA ILE B 179 -39.89 7.54 -24.16
C ILE B 179 -39.69 6.05 -24.49
N GLU B 180 -40.73 5.23 -24.56
CA GLU B 180 -40.56 3.82 -25.00
C GLU B 180 -40.00 3.76 -26.44
N GLU B 181 -40.14 4.83 -27.21
CA GLU B 181 -39.59 4.86 -28.57
C GLU B 181 -38.06 4.89 -28.55
N LEU B 182 -37.42 5.23 -27.42
CA LEU B 182 -35.94 5.22 -27.29
C LEU B 182 -35.45 3.80 -26.98
N LEU B 183 -36.35 2.86 -26.63
CA LEU B 183 -35.90 1.48 -26.31
C LEU B 183 -35.79 0.68 -27.59
N PRO B 184 -34.95 -0.37 -27.60
CA PRO B 184 -34.78 -1.19 -28.78
C PRO B 184 -35.92 -2.19 -28.97
N GLU B 185 -35.71 -2.97 -30.03
CA GLU B 185 -36.55 -4.13 -30.34
C GLU B 185 -36.38 -5.17 -29.24
N ARG B 186 -37.44 -5.89 -28.92
CA ARG B 186 -37.44 -7.06 -28.05
C ARG B 186 -36.88 -6.68 -26.68
N THR B 187 -37.55 -5.73 -26.03
CA THR B 187 -37.13 -5.32 -24.66
C THR B 187 -37.25 -6.46 -23.67
N ALA B 188 -37.93 -7.55 -23.98
CA ALA B 188 -37.95 -8.71 -23.08
C ALA B 188 -36.56 -9.32 -22.96
N GLU B 189 -35.67 -9.05 -23.91
CA GLU B 189 -34.31 -9.64 -23.92
C GLU B 189 -33.30 -8.66 -23.32
N TYR B 190 -32.77 -8.99 -22.17
CA TYR B 190 -31.87 -8.07 -21.42
C TYR B 190 -30.92 -8.85 -20.53
N TYR B 191 -29.89 -8.10 -20.11
CA TYR B 191 -28.91 -8.46 -19.08
C TYR B 191 -29.31 -7.75 -17.81
N ARG B 192 -29.22 -8.46 -16.72
CA ARG B 192 -29.60 -7.95 -15.38
C ARG B 192 -28.46 -8.24 -14.41
N TYR B 193 -28.01 -7.23 -13.67
CA TYR B 193 -27.02 -7.43 -12.60
C TYR B 193 -27.12 -6.31 -11.57
N ARG B 194 -26.56 -6.57 -10.40
CA ARG B 194 -26.44 -5.56 -9.34
C ARG B 194 -25.12 -4.83 -9.46
N GLY B 195 -25.17 -3.52 -9.50
CA GLY B 195 -23.96 -2.73 -9.63
C GLY B 195 -24.15 -1.37 -9.09
N SER B 196 -23.58 -0.38 -9.76
CA SER B 196 -23.38 0.95 -9.15
C SER B 196 -23.75 2.05 -10.14
N LEU B 197 -23.87 3.24 -9.60
CA LEU B 197 -23.74 4.44 -10.44
C LEU B 197 -22.41 4.40 -11.19
N THR B 198 -22.39 4.81 -12.45
CA THR B 198 -21.14 4.84 -13.23
C THR B 198 -20.42 6.21 -13.14
N THR B 199 -20.94 7.12 -12.31
CA THR B 199 -20.34 8.42 -12.01
C THR B 199 -20.30 8.63 -10.51
N PRO B 200 -19.39 9.51 -10.04
CA PRO B 200 -19.40 9.85 -8.61
C PRO B 200 -20.83 10.21 -8.22
N PRO B 201 -21.31 9.77 -7.04
CA PRO B 201 -20.52 9.08 -6.01
C PRO B 201 -20.37 7.56 -6.11
N CYS B 202 -20.81 6.95 -7.22
CA CYS B 202 -20.54 5.51 -7.54
C CYS B 202 -21.26 4.61 -6.53
N ASN B 203 -22.40 5.05 -5.97
CA ASN B 203 -23.08 4.24 -4.93
C ASN B 203 -23.41 2.88 -5.53
N PRO B 204 -23.18 1.81 -4.77
CA PRO B 204 -23.42 0.45 -5.23
C PRO B 204 -24.87 -0.02 -5.02
N THR B 205 -25.80 0.75 -5.53
CA THR B 205 -27.25 0.64 -5.20
C THR B 205 -28.13 0.51 -6.43
N VAL B 206 -27.52 0.13 -7.56
CA VAL B 206 -28.25 0.10 -8.85
C VAL B 206 -28.53 -1.31 -9.31
N LEU B 207 -29.80 -1.56 -9.59
CA LEU B 207 -30.22 -2.76 -10.30
C LEU B 207 -30.22 -2.39 -11.80
N TRP B 208 -29.27 -2.93 -12.54
CA TRP B 208 -29.02 -2.64 -13.96
C TRP B 208 -29.85 -3.58 -14.83
N THR B 209 -30.50 -3.03 -15.83
CA THR B 209 -31.13 -3.74 -16.93
C THR B 209 -30.50 -3.19 -18.19
N VAL B 210 -29.69 -3.99 -18.85
CA VAL B 210 -29.07 -3.54 -20.11
C VAL B 210 -29.79 -4.27 -21.24
N PHE B 211 -30.51 -3.60 -22.14
CA PHE B 211 -31.23 -4.35 -23.18
C PHE B 211 -30.22 -5.03 -24.10
N ARG B 212 -30.59 -6.22 -24.59
CA ARG B 212 -29.70 -6.99 -25.48
C ARG B 212 -29.46 -6.26 -26.81
N ASN B 213 -30.51 -5.74 -27.39
CA ASN B 213 -30.40 -5.24 -28.78
C ASN B 213 -30.09 -3.75 -28.76
N PRO B 214 -29.20 -3.26 -29.64
CA PRO B 214 -28.97 -1.83 -29.74
C PRO B 214 -30.02 -1.10 -30.59
N VAL B 215 -30.08 0.20 -30.46
CA VAL B 215 -30.79 1.06 -31.42
C VAL B 215 -29.74 1.68 -32.33
N GLN B 216 -30.21 2.28 -33.42
CA GLN B 216 -29.36 3.04 -34.34
C GLN B 216 -29.72 4.52 -34.33
N ILE B 217 -28.68 5.34 -34.36
CA ILE B 217 -28.80 6.80 -34.69
C ILE B 217 -27.91 7.06 -35.89
N SER B 218 -28.12 8.17 -36.62
CA SER B 218 -27.34 8.37 -37.85
C SER B 218 -25.94 8.84 -37.53
N GLN B 219 -25.06 8.85 -38.53
CA GLN B 219 -23.68 9.36 -38.38
C GLN B 219 -23.79 10.83 -38.01
N GLU B 220 -24.71 11.57 -38.62
CA GLU B 220 -24.84 13.01 -38.33
C GLU B 220 -25.41 13.23 -36.93
N GLN B 221 -26.33 12.40 -36.46
CA GLN B 221 -26.83 12.51 -35.07
C GLN B 221 -25.68 12.25 -34.10
N LEU B 222 -24.87 11.23 -34.37
CA LEU B 222 -23.77 10.86 -33.46
C LEU B 222 -22.72 11.97 -33.46
N LEU B 223 -22.38 12.51 -34.63
CA LEU B 223 -21.35 13.56 -34.67
C LEU B 223 -21.90 14.78 -33.93
N ALA B 224 -23.17 15.11 -34.07
CA ALA B 224 -23.76 16.26 -33.35
C ALA B 224 -23.56 16.05 -31.86
N LEU B 225 -23.88 14.87 -31.38
CA LEU B 225 -23.80 14.55 -29.95
C LEU B 225 -22.35 14.70 -29.52
N GLU B 226 -21.38 14.31 -30.33
CA GLU B 226 -19.94 14.34 -30.02
C GLU B 226 -19.32 15.73 -30.11
N THR B 227 -19.94 16.63 -30.82
CA THR B 227 -19.28 17.91 -31.16
C THR B 227 -20.08 19.10 -30.67
N ALA B 228 -21.37 18.99 -30.32
CA ALA B 228 -22.19 20.16 -29.97
C ALA B 228 -21.80 20.72 -28.61
N LEU B 229 -21.40 19.86 -27.69
CA LEU B 229 -21.47 20.16 -26.25
C LEU B 229 -20.10 20.43 -25.65
N TYR B 230 -20.09 21.31 -24.69
CA TYR B 230 -18.92 21.65 -23.85
C TYR B 230 -19.25 21.38 -22.36
N CYS B 231 -18.19 21.11 -21.63
CA CYS B 231 -18.21 20.90 -20.15
C CYS B 231 -18.14 22.24 -19.43
N THR B 232 -17.83 23.28 -20.15
CA THR B 232 -17.51 24.63 -19.58
C THR B 232 -18.62 25.63 -19.84
N HIS B 233 -18.66 26.70 -19.05
CA HIS B 233 -19.63 27.81 -19.27
C HIS B 233 -19.29 28.50 -20.57
N MET B 234 -20.31 29.13 -21.16
CA MET B 234 -20.24 29.79 -22.48
C MET B 234 -19.09 30.80 -22.47
N ASP B 235 -18.83 31.48 -21.34
CA ASP B 235 -17.84 32.57 -21.32
C ASP B 235 -16.47 32.11 -20.85
N ASP B 236 -16.23 30.81 -20.71
CA ASP B 236 -14.93 30.30 -20.21
C ASP B 236 -13.88 30.54 -21.32
N PRO B 237 -12.75 31.17 -20.95
CA PRO B 237 -11.69 31.46 -21.92
C PRO B 237 -11.01 30.20 -22.47
N SER B 238 -11.18 29.07 -21.77
CA SER B 238 -10.56 27.78 -22.14
C SER B 238 -11.65 26.71 -22.25
N PRO B 239 -12.42 26.69 -23.36
CA PRO B 239 -13.51 25.73 -23.49
C PRO B 239 -12.96 24.29 -23.43
N ARG B 240 -13.76 23.39 -22.88
CA ARG B 240 -13.46 21.94 -22.82
C ARG B 240 -14.61 21.23 -23.52
N GLU B 241 -14.32 20.47 -24.55
CA GLU B 241 -15.31 19.67 -25.28
C GLU B 241 -15.87 18.57 -24.35
N MET B 242 -17.17 18.35 -24.46
CA MET B 242 -17.85 17.24 -23.75
C MET B 242 -17.78 16.00 -24.65
N ILE B 243 -16.73 15.22 -24.40
CA ILE B 243 -16.40 14.00 -25.18
C ILE B 243 -15.98 12.93 -24.17
N ASN B 244 -16.06 11.69 -24.62
CA ASN B 244 -15.49 10.55 -23.87
C ASN B 244 -16.01 10.51 -22.43
N ASN B 245 -17.32 10.79 -22.24
CA ASN B 245 -17.95 10.90 -20.92
C ASN B 245 -18.53 9.53 -20.55
N PHE B 246 -17.69 8.52 -20.64
CA PHE B 246 -18.03 7.14 -20.26
C PHE B 246 -16.94 6.65 -19.33
N ARG B 247 -17.28 5.76 -18.43
CA ARG B 247 -16.29 5.11 -17.53
C ARG B 247 -15.79 3.83 -18.16
N GLN B 248 -14.52 3.53 -18.00
CA GLN B 248 -13.98 2.19 -18.36
C GLN B 248 -14.78 1.11 -17.65
N VAL B 249 -14.81 -0.05 -18.28
CA VAL B 249 -15.39 -1.26 -17.64
C VAL B 249 -14.58 -1.64 -16.42
N GLN B 250 -15.28 -2.20 -15.44
CA GLN B 250 -14.74 -2.55 -14.11
C GLN B 250 -14.52 -4.05 -14.05
N LYS B 251 -13.68 -4.49 -13.14
CA LYS B 251 -13.60 -5.94 -12.85
C LYS B 251 -14.93 -6.45 -12.35
N PHE B 252 -15.17 -7.72 -12.65
CA PHE B 252 -16.42 -8.43 -12.34
C PHE B 252 -16.08 -9.90 -12.23
N ASP B 253 -15.82 -10.34 -11.00
CA ASP B 253 -15.37 -11.72 -10.70
C ASP B 253 -16.21 -12.25 -9.54
N GLU B 254 -16.40 -13.57 -9.50
CA GLU B 254 -17.11 -14.32 -8.42
C GLU B 254 -18.59 -13.95 -8.42
N ARG B 255 -19.07 -13.39 -9.55
CA ARG B 255 -20.42 -12.77 -9.69
C ARG B 255 -20.96 -13.03 -11.09
N LEU B 256 -22.30 -13.00 -11.21
CA LEU B 256 -23.01 -13.38 -12.44
C LEU B 256 -23.88 -12.22 -12.94
N VAL B 257 -23.90 -12.11 -14.24
CA VAL B 257 -24.92 -11.35 -14.97
C VAL B 257 -25.98 -12.31 -15.47
N TYR B 258 -27.22 -12.06 -15.15
CA TYR B 258 -28.36 -12.92 -15.58
C TYR B 258 -28.95 -12.42 -16.85
N THR B 259 -29.30 -13.31 -17.75
CA THR B 259 -29.85 -12.94 -19.06
C THR B 259 -31.27 -13.50 -19.16
N SER B 260 -32.13 -12.77 -19.83
CA SER B 260 -33.55 -13.20 -20.00
C SER B 260 -33.69 -13.93 -21.34
N PHE B 261 -32.60 -14.05 -22.09
CA PHE B 261 -32.53 -14.72 -23.41
C PHE B 261 -31.53 -15.86 -23.29
N SER B 262 -31.69 -16.88 -24.14
CA SER B 262 -30.73 -18.01 -24.28
C SER B 262 -29.72 -17.67 -25.38
N LYS C 3 -0.24 -3.00 0.78
CA LYS C 3 0.33 -1.83 0.00
C LYS C 3 -0.54 -1.55 -1.24
N TRP C 4 -0.61 -2.50 -2.18
CA TRP C 4 -1.59 -2.45 -3.31
C TRP C 4 -1.97 -3.86 -3.77
N THR C 5 -3.18 -4.00 -4.29
CA THR C 5 -3.71 -5.26 -4.86
C THR C 5 -4.42 -5.01 -6.17
N TYR C 6 -4.90 -6.09 -6.80
CA TYR C 6 -5.80 -6.01 -7.97
C TYR C 6 -7.26 -6.25 -7.56
N PHE C 7 -7.57 -6.36 -6.29
CA PHE C 7 -8.98 -6.65 -5.94
C PHE C 7 -9.29 -5.94 -4.65
N GLY C 8 -10.49 -5.38 -4.55
CA GLY C 8 -10.96 -4.87 -3.26
C GLY C 8 -10.37 -3.50 -2.92
N PRO C 9 -10.32 -3.17 -1.63
CA PRO C 9 -10.16 -1.79 -1.21
C PRO C 9 -8.88 -1.08 -1.70
N ASP C 10 -7.77 -1.84 -1.79
CA ASP C 10 -6.45 -1.33 -2.22
C ASP C 10 -6.25 -1.66 -3.69
N GLY C 11 -7.33 -2.00 -4.39
CA GLY C 11 -7.35 -2.33 -5.83
C GLY C 11 -7.14 -1.11 -6.74
N GLU C 12 -7.23 -1.36 -8.03
CA GLU C 12 -6.68 -0.43 -9.05
C GLU C 12 -7.38 0.93 -9.04
N ASN C 13 -8.67 1.06 -8.68
CA ASN C 13 -9.32 2.37 -8.65
C ASN C 13 -8.78 3.20 -7.48
N SER C 14 -8.09 2.60 -6.54
CA SER C 14 -7.55 3.35 -5.36
C SER C 14 -6.05 3.56 -5.49
N TRP C 15 -5.37 2.98 -6.48
CA TRP C 15 -3.90 3.10 -6.56
C TRP C 15 -3.49 4.56 -6.47
N SER C 16 -4.19 5.43 -7.16
CA SER C 16 -3.84 6.86 -7.23
C SER C 16 -3.80 7.56 -5.87
N LYS C 17 -4.42 7.00 -4.83
CA LYS C 17 -4.42 7.65 -3.50
C LYS C 17 -3.01 7.61 -2.90
N LYS C 18 -2.20 6.62 -3.23
CA LYS C 18 -0.83 6.48 -2.69
C LYS C 18 0.22 6.54 -3.78
N TYR C 19 -0.17 6.35 -5.04
CA TYR C 19 0.74 6.34 -6.21
C TYR C 19 0.18 7.31 -7.21
N PRO C 20 0.48 8.61 -7.07
CA PRO C 20 -0.17 9.62 -7.89
C PRO C 20 -0.10 9.35 -9.41
N SER C 21 0.99 8.75 -9.93
CA SER C 21 1.10 8.56 -11.40
C SER C 21 0.05 7.55 -11.89
N CYS C 22 -0.54 6.74 -11.00
CA CYS C 22 -1.56 5.78 -11.44
C CYS C 22 -2.79 6.55 -11.93
N GLY C 23 -2.99 7.79 -11.48
CA GLY C 23 -4.01 8.69 -12.05
C GLY C 23 -3.49 9.76 -12.98
N GLY C 24 -2.26 9.61 -13.46
CA GLY C 24 -1.62 10.59 -14.32
C GLY C 24 -1.65 10.25 -15.78
N LEU C 25 -0.71 10.77 -16.55
CA LEU C 25 -0.62 10.70 -18.02
C LEU C 25 -0.07 9.36 -18.49
N LEU C 26 -0.37 9.05 -19.74
CA LEU C 26 0.29 7.98 -20.52
C LEU C 26 0.12 6.62 -19.84
N GLN C 27 -1.06 6.33 -19.32
CA GLN C 27 -1.25 5.05 -18.58
C GLN C 27 -1.44 3.88 -19.54
N SER C 28 -0.98 2.71 -19.11
CA SER C 28 -1.13 1.41 -19.80
C SER C 28 -1.88 0.47 -18.86
N PRO C 29 -2.47 -0.66 -19.30
CA PRO C 29 -2.53 -1.08 -20.70
C PRO C 29 -3.68 -0.41 -21.45
N ILE C 30 -3.83 -0.72 -22.74
CA ILE C 30 -4.86 -0.12 -23.63
C ILE C 30 -5.46 -1.19 -24.52
N ASP C 31 -6.60 -0.86 -25.09
CA ASP C 31 -7.21 -1.64 -26.16
C ASP C 31 -6.65 -1.23 -27.51
N LEU C 32 -6.16 -2.21 -28.24
CA LEU C 32 -5.55 -1.93 -29.56
C LEU C 32 -6.62 -2.17 -30.61
N HIS C 33 -7.15 -1.11 -31.20
CA HIS C 33 -8.29 -1.20 -32.14
C HIS C 33 -8.08 -0.17 -33.26
N SER C 34 -8.70 -0.42 -34.39
CA SER C 34 -8.39 0.27 -35.68
C SER C 34 -8.39 1.79 -35.52
N ASP C 35 -9.32 2.39 -34.76
CA ASP C 35 -9.46 3.86 -34.81
C ASP C 35 -8.27 4.60 -34.18
N ILE C 36 -7.48 3.92 -33.36
CA ILE C 36 -6.30 4.54 -32.70
C ILE C 36 -4.99 3.99 -33.26
N LEU C 37 -5.01 3.21 -34.33
CA LEU C 37 -3.80 2.61 -34.96
C LEU C 37 -3.35 3.47 -36.14
N GLN C 38 -2.05 3.60 -36.34
CA GLN C 38 -1.49 4.21 -37.58
C GLN C 38 -0.28 3.38 -38.04
N TYR C 39 -0.29 2.88 -39.27
CA TYR C 39 0.89 2.21 -39.86
C TYR C 39 2.06 3.21 -39.94
N ASP C 40 3.24 2.73 -39.50
CA ASP C 40 4.47 3.53 -39.58
C ASP C 40 5.49 2.69 -40.30
N ALA C 41 5.72 3.00 -41.59
CA ALA C 41 6.61 2.20 -42.41
C ALA C 41 8.06 2.28 -41.95
N SER C 42 8.41 3.24 -41.09
CA SER C 42 9.80 3.40 -40.56
C SER C 42 10.08 2.49 -39.34
N LEU C 43 9.08 1.83 -38.79
CA LEU C 43 9.36 0.93 -37.62
C LEU C 43 10.12 -0.27 -38.15
N THR C 44 11.21 -0.66 -37.51
CA THR C 44 12.03 -1.75 -38.05
C THR C 44 11.95 -2.93 -37.08
N PRO C 45 12.37 -4.11 -37.53
CA PRO C 45 12.26 -5.27 -36.68
C PRO C 45 13.27 -5.16 -35.54
N LEU C 46 12.86 -5.55 -34.35
CA LEU C 46 13.80 -5.70 -33.22
C LEU C 46 14.67 -6.94 -33.42
N GLU C 47 15.88 -6.83 -32.90
CA GLU C 47 16.85 -7.94 -32.85
C GLU C 47 17.04 -8.28 -31.38
N PHE C 48 16.99 -9.55 -31.02
CA PHE C 48 17.12 -10.02 -29.62
C PHE C 48 18.52 -10.59 -29.42
N GLN C 49 19.35 -9.92 -28.63
CA GLN C 49 20.79 -10.25 -28.48
C GLN C 49 20.97 -10.82 -27.08
N GLY C 50 21.72 -11.91 -26.96
CA GLY C 50 22.01 -12.48 -25.64
C GLY C 50 20.79 -13.08 -24.99
N TYR C 51 19.72 -13.36 -25.74
CA TYR C 51 18.50 -14.00 -25.19
C TYR C 51 18.74 -15.48 -24.92
N ASN C 52 19.71 -16.14 -25.59
CA ASN C 52 19.95 -17.59 -25.42
C ASN C 52 20.78 -17.77 -24.15
N LEU C 53 20.19 -17.68 -23.00
CA LEU C 53 20.89 -17.68 -21.71
C LEU C 53 21.59 -19.03 -21.48
N SER C 54 22.76 -19.00 -20.91
CA SER C 54 23.59 -20.22 -20.73
C SER C 54 22.81 -21.20 -19.85
N ALA C 55 22.67 -22.43 -20.30
CA ALA C 55 22.08 -23.51 -19.48
C ALA C 55 22.95 -23.81 -18.24
N ASN C 56 24.21 -23.37 -18.18
CA ASN C 56 25.08 -23.59 -17.00
C ASN C 56 24.93 -22.47 -15.98
N LYS C 57 24.22 -21.41 -16.33
CA LYS C 57 23.99 -20.32 -15.37
C LYS C 57 22.57 -20.51 -14.85
N GLN C 58 22.26 -19.72 -13.85
CA GLN C 58 20.93 -19.81 -13.24
C GLN C 58 20.41 -18.41 -12.93
N PHE C 59 19.07 -18.32 -12.96
CA PHE C 59 18.34 -17.04 -12.92
C PHE C 59 17.27 -17.11 -11.84
N LEU C 60 17.15 -16.04 -11.07
CA LEU C 60 16.30 -16.06 -9.84
C LEU C 60 14.81 -15.88 -10.20
N LEU C 61 13.99 -16.86 -9.90
CA LEU C 61 12.51 -16.78 -9.98
C LEU C 61 11.98 -16.39 -8.61
N THR C 62 11.14 -15.38 -8.54
CA THR C 62 10.63 -14.80 -7.27
C THR C 62 9.12 -14.66 -7.40
N ASN C 63 8.39 -14.95 -6.34
CA ASN C 63 6.98 -14.51 -6.21
C ASN C 63 7.00 -13.17 -5.48
N ASN C 64 6.70 -12.04 -6.13
CA ASN C 64 6.81 -10.73 -5.45
C ASN C 64 5.48 -10.33 -4.79
N GLY C 65 4.51 -11.26 -4.72
CA GLY C 65 3.19 -10.97 -4.14
C GLY C 65 2.21 -10.44 -5.18
N HIS C 66 2.64 -10.13 -6.40
CA HIS C 66 1.75 -9.55 -7.43
C HIS C 66 1.84 -10.38 -8.72
N SER C 67 2.98 -11.00 -9.00
CA SER C 67 3.22 -11.88 -10.15
C SER C 67 4.37 -12.80 -9.81
N VAL C 68 4.74 -13.63 -10.74
CA VAL C 68 6.00 -14.41 -10.70
C VAL C 68 6.95 -13.74 -11.68
N LYS C 69 8.13 -13.47 -11.18
CA LYS C 69 9.15 -12.72 -11.94
C LYS C 69 10.44 -13.53 -12.07
N LEU C 70 11.03 -13.50 -13.26
CA LEU C 70 12.38 -14.09 -13.51
C LEU C 70 13.38 -12.96 -13.72
N ASN C 71 14.42 -12.90 -12.91
CA ASN C 71 15.48 -11.89 -13.09
C ASN C 71 16.24 -12.27 -14.35
N LEU C 72 16.57 -11.26 -15.13
CA LEU C 72 17.36 -11.45 -16.36
C LEU C 72 18.63 -10.63 -16.32
N PRO C 73 19.66 -11.08 -17.05
CA PRO C 73 20.92 -10.37 -17.07
C PRO C 73 20.97 -9.20 -18.06
N SER C 74 21.74 -8.17 -17.70
CA SER C 74 21.94 -6.98 -18.56
C SER C 74 22.71 -7.34 -19.84
N ASP C 75 23.28 -8.54 -19.93
CA ASP C 75 23.89 -9.09 -21.19
C ASP C 75 22.83 -9.30 -22.27
N MET C 76 21.57 -9.38 -21.85
CA MET C 76 20.44 -9.62 -22.75
C MET C 76 19.97 -8.23 -23.21
N HIS C 77 19.88 -8.01 -24.51
CA HIS C 77 19.49 -6.65 -24.97
C HIS C 77 18.74 -6.68 -26.29
N ILE C 78 18.03 -5.58 -26.51
CA ILE C 78 17.22 -5.33 -27.72
C ILE C 78 18.00 -4.37 -28.60
N GLN C 79 18.12 -4.71 -29.88
CA GLN C 79 18.61 -3.81 -30.93
C GLN C 79 17.38 -3.40 -31.76
N GLY C 80 17.35 -2.15 -32.25
CA GLY C 80 16.26 -1.70 -33.14
C GLY C 80 15.49 -0.54 -32.53
N LEU C 81 15.82 -0.14 -31.30
CA LEU C 81 15.32 1.11 -30.73
C LEU C 81 16.43 2.15 -30.86
N GLN C 82 16.15 3.38 -30.49
CA GLN C 82 17.15 4.44 -30.73
C GLN C 82 18.27 4.33 -29.72
N SER C 83 18.00 3.70 -28.56
CA SER C 83 19.02 3.39 -27.53
C SER C 83 19.08 1.88 -27.43
N ARG C 84 20.18 1.34 -26.93
CA ARG C 84 20.23 -0.05 -26.40
C ARG C 84 19.41 -0.11 -25.12
N TYR C 85 18.53 -1.08 -25.10
CA TYR C 85 17.80 -1.46 -23.87
C TYR C 85 18.25 -2.83 -23.41
N SER C 86 18.65 -2.93 -22.14
CA SER C 86 19.14 -4.20 -21.57
C SER C 86 18.08 -4.81 -20.64
N ALA C 87 17.98 -6.12 -20.64
CA ALA C 87 16.92 -6.79 -19.84
C ALA C 87 17.15 -6.60 -18.34
N THR C 88 16.05 -6.61 -17.58
CA THR C 88 16.05 -6.63 -16.10
C THR C 88 15.17 -7.76 -15.56
N GLN C 89 14.00 -8.03 -16.13
CA GLN C 89 13.15 -9.12 -15.60
C GLN C 89 12.02 -9.43 -16.56
N LEU C 90 11.44 -10.62 -16.47
CA LEU C 90 10.16 -10.91 -17.14
C LEU C 90 9.16 -11.38 -16.09
N HIS C 91 7.87 -11.19 -16.40
CA HIS C 91 6.80 -11.61 -15.47
C HIS C 91 5.55 -11.82 -16.30
N LEU C 92 4.48 -12.27 -15.65
CA LEU C 92 3.22 -12.64 -16.31
C LEU C 92 2.01 -12.03 -15.63
N HIS C 93 0.98 -11.97 -16.43
CA HIS C 93 -0.37 -11.57 -15.96
C HIS C 93 -1.38 -12.60 -16.47
N TRP C 94 -2.39 -12.91 -15.66
CA TRP C 94 -3.38 -13.96 -16.01
C TRP C 94 -4.70 -13.69 -15.28
N GLY C 95 -5.70 -14.49 -15.63
CA GLY C 95 -7.08 -14.36 -15.16
C GLY C 95 -7.40 -15.38 -14.06
N ASN C 96 -8.42 -16.19 -14.28
CA ASN C 96 -8.77 -17.19 -13.25
C ASN C 96 -9.48 -18.31 -13.99
N PRO C 97 -9.60 -19.50 -13.39
CA PRO C 97 -10.20 -20.63 -14.08
C PRO C 97 -11.65 -20.45 -14.53
N ASN C 98 -12.44 -19.63 -13.84
CA ASN C 98 -13.86 -19.37 -14.22
C ASN C 98 -13.90 -18.35 -15.35
N ASP C 99 -12.82 -17.60 -15.55
CA ASP C 99 -12.80 -16.59 -16.62
C ASP C 99 -11.36 -16.46 -17.08
N PRO C 100 -10.85 -17.40 -17.91
CA PRO C 100 -9.42 -17.48 -18.21
C PRO C 100 -8.99 -16.49 -19.33
N HIS C 101 -9.19 -15.20 -19.08
CA HIS C 101 -8.93 -14.09 -20.03
C HIS C 101 -8.27 -12.94 -19.31
N GLY C 102 -6.98 -13.03 -19.01
CA GLY C 102 -6.27 -12.12 -18.12
C GLY C 102 -5.07 -11.41 -18.74
N SER C 103 -5.09 -11.25 -20.04
CA SER C 103 -4.12 -10.33 -20.68
C SER C 103 -4.36 -8.90 -20.19
N GLU C 104 -3.36 -8.09 -20.30
CA GLU C 104 -3.51 -6.66 -19.97
C GLU C 104 -3.96 -5.88 -21.19
N HIS C 105 -3.17 -5.98 -22.23
CA HIS C 105 -3.60 -5.40 -23.53
C HIS C 105 -4.74 -6.22 -24.07
N THR C 106 -5.66 -5.59 -24.77
CA THR C 106 -6.72 -6.27 -25.54
C THR C 106 -6.60 -5.85 -27.00
N VAL C 107 -7.10 -6.71 -27.89
CA VAL C 107 -7.06 -6.42 -29.34
C VAL C 107 -8.48 -6.39 -29.86
N SER C 108 -8.96 -5.25 -30.37
CA SER C 108 -10.36 -5.12 -30.86
C SER C 108 -11.28 -5.65 -29.75
N GLY C 109 -10.98 -5.30 -28.50
CA GLY C 109 -11.76 -5.55 -27.28
C GLY C 109 -11.58 -6.94 -26.71
N GLN C 110 -10.76 -7.77 -27.33
CA GLN C 110 -10.64 -9.17 -26.89
C GLN C 110 -9.44 -9.30 -25.96
N HIS C 111 -9.69 -9.94 -24.81
CA HIS C 111 -8.65 -10.34 -23.85
C HIS C 111 -8.11 -11.66 -24.28
N PHE C 112 -6.81 -11.80 -24.23
CA PHE C 112 -6.15 -13.09 -24.43
C PHE C 112 -6.10 -13.75 -23.05
N ALA C 113 -5.67 -15.02 -23.03
CA ALA C 113 -5.69 -15.83 -21.79
C ALA C 113 -4.73 -15.21 -20.77
N ALA C 114 -3.54 -14.78 -21.21
CA ALA C 114 -2.49 -14.25 -20.33
C ALA C 114 -1.54 -13.37 -21.16
N GLU C 115 -0.59 -12.76 -20.47
CA GLU C 115 0.38 -11.86 -21.19
C GLU C 115 1.73 -11.91 -20.49
N LEU C 116 2.79 -12.04 -21.29
CA LEU C 116 4.19 -11.98 -20.85
C LEU C 116 4.79 -10.62 -21.07
N HIS C 117 5.46 -10.09 -20.05
CA HIS C 117 6.17 -8.80 -20.14
C HIS C 117 7.64 -9.04 -19.96
N ILE C 118 8.48 -8.63 -20.89
CA ILE C 118 9.95 -8.72 -20.76
C ILE C 118 10.46 -7.30 -20.64
N VAL C 119 10.84 -6.91 -19.43
CA VAL C 119 11.17 -5.53 -19.08
C VAL C 119 12.65 -5.27 -19.33
N HIS C 120 12.94 -4.15 -20.03
CA HIS C 120 14.32 -3.69 -20.28
C HIS C 120 14.45 -2.26 -19.83
N TYR C 121 15.68 -1.82 -19.62
CA TYR C 121 15.99 -0.45 -19.23
C TYR C 121 16.99 0.15 -20.21
N ASN C 122 17.00 1.47 -20.28
CA ASN C 122 17.89 2.18 -21.22
C ASN C 122 19.30 2.18 -20.60
N SER C 123 20.16 1.30 -21.08
CA SER C 123 21.52 1.13 -20.52
C SER C 123 22.46 2.10 -21.21
N ASP C 124 22.08 2.74 -22.34
CA ASP C 124 22.85 3.86 -22.93
C ASP C 124 22.74 5.07 -22.00
N LEU C 125 21.58 5.33 -21.39
CA LEU C 125 21.33 6.56 -20.60
C LEU C 125 21.49 6.34 -19.09
N TYR C 126 21.25 5.12 -18.60
CA TYR C 126 21.10 4.87 -17.14
C TYR C 126 21.90 3.62 -16.74
N PRO C 127 22.39 3.58 -15.48
CA PRO C 127 23.27 2.50 -15.03
C PRO C 127 22.56 1.20 -14.66
N ASP C 128 21.27 1.29 -14.35
CA ASP C 128 20.46 0.19 -13.81
C ASP C 128 18.98 0.49 -13.99
N ALA C 129 18.13 -0.53 -13.88
CA ALA C 129 16.68 -0.45 -14.09
C ALA C 129 16.04 0.46 -13.05
N SER C 130 16.51 0.41 -11.80
CA SER C 130 15.91 1.22 -10.73
C SER C 130 16.10 2.71 -11.06
N THR C 131 17.30 3.14 -11.48
CA THR C 131 17.55 4.56 -11.82
C THR C 131 16.69 4.90 -13.04
N ALA C 132 16.62 4.01 -14.03
CA ALA C 132 15.93 4.26 -15.31
C ALA C 132 14.42 4.38 -15.11
N SER C 133 13.88 3.67 -14.11
CA SER C 133 12.43 3.42 -14.05
C SER C 133 11.65 4.73 -13.99
N ASN C 134 12.17 5.78 -13.37
CA ASN C 134 11.36 7.00 -13.21
C ASN C 134 12.00 8.13 -14.00
N LYS C 135 12.70 7.80 -15.08
CA LYS C 135 13.39 8.81 -15.89
C LYS C 135 12.95 8.68 -17.34
N SER C 136 13.09 9.77 -18.08
CA SER C 136 12.72 9.88 -19.50
C SER C 136 13.41 8.76 -20.30
N GLU C 137 12.64 8.10 -21.13
CA GLU C 137 13.13 7.00 -22.00
C GLU C 137 13.73 5.85 -21.19
N GLY C 138 13.25 5.61 -19.98
CA GLY C 138 13.92 4.73 -19.03
C GLY C 138 13.68 3.28 -19.40
N LEU C 139 12.48 2.90 -19.83
CA LEU C 139 12.08 1.48 -19.91
C LEU C 139 11.52 1.15 -21.28
N ALA C 140 11.77 -0.07 -21.70
CA ALA C 140 11.14 -0.67 -22.88
C ALA C 140 10.64 -2.04 -22.47
N VAL C 141 9.38 -2.35 -22.75
CA VAL C 141 8.78 -3.65 -22.39
C VAL C 141 8.28 -4.33 -23.66
N LEU C 142 8.64 -5.60 -23.81
CA LEU C 142 8.05 -6.45 -24.84
C LEU C 142 6.85 -7.18 -24.25
N ALA C 143 5.71 -7.13 -24.94
CA ALA C 143 4.50 -7.85 -24.52
C ALA C 143 4.22 -8.96 -25.50
N VAL C 144 4.01 -10.15 -24.98
CA VAL C 144 3.56 -11.33 -25.75
C VAL C 144 2.18 -11.68 -25.22
N LEU C 145 1.23 -11.70 -26.11
CA LEU C 145 -0.15 -12.19 -25.86
C LEU C 145 -0.15 -13.72 -25.85
N ILE C 146 -0.90 -14.32 -24.96
CA ILE C 146 -0.89 -15.80 -24.77
C ILE C 146 -2.31 -16.33 -24.85
N GLU C 147 -2.49 -17.35 -25.66
CA GLU C 147 -3.84 -17.91 -25.87
C GLU C 147 -3.74 -19.39 -25.65
N MET C 148 -4.88 -19.99 -25.40
CA MET C 148 -4.98 -21.42 -25.11
C MET C 148 -4.95 -22.16 -26.44
N GLY C 149 -4.11 -23.17 -26.54
CA GLY C 149 -4.09 -24.04 -27.71
C GLY C 149 -3.12 -25.16 -27.46
N SER C 150 -2.14 -25.23 -28.34
CA SER C 150 -1.10 -26.29 -28.30
C SER C 150 -0.21 -26.14 -27.07
N PHE C 151 0.19 -27.26 -26.51
CA PHE C 151 1.24 -27.35 -25.47
C PHE C 151 2.52 -26.62 -25.91
N ASN C 152 3.16 -25.88 -24.98
CA ASN C 152 4.36 -25.05 -25.25
C ASN C 152 5.50 -25.47 -24.35
N PRO C 153 6.50 -26.26 -24.83
CA PRO C 153 7.60 -26.64 -24.00
C PRO C 153 8.42 -25.52 -23.44
N SER C 154 8.56 -24.46 -24.22
CA SER C 154 9.38 -23.32 -23.81
C SER C 154 8.79 -22.67 -22.54
N TYR C 155 7.47 -22.41 -22.51
CA TYR C 155 6.82 -21.77 -21.34
C TYR C 155 6.90 -22.73 -20.15
N ASP C 156 6.96 -24.02 -20.44
CA ASP C 156 7.06 -24.98 -19.31
C ASP C 156 8.41 -24.89 -18.62
N LYS C 157 9.44 -24.31 -19.26
CA LYS C 157 10.73 -24.04 -18.62
C LYS C 157 10.58 -23.05 -17.48
N ILE C 158 9.54 -22.23 -17.47
CA ILE C 158 9.17 -21.38 -16.30
C ILE C 158 8.14 -22.11 -15.44
N PHE C 159 7.09 -22.62 -16.06
CA PHE C 159 5.95 -23.17 -15.27
C PHE C 159 6.37 -24.38 -14.44
N SER C 160 7.37 -25.16 -14.87
CA SER C 160 7.75 -26.38 -14.08
C SER C 160 8.35 -26.02 -12.73
N HIS C 161 8.65 -24.74 -12.45
CA HIS C 161 9.26 -24.26 -11.20
C HIS C 161 8.29 -23.54 -10.24
N LEU C 162 7.03 -23.40 -10.63
CA LEU C 162 6.11 -22.51 -9.89
C LEU C 162 5.86 -23.08 -8.50
N GLN C 163 5.96 -24.39 -8.38
CA GLN C 163 5.67 -25.07 -7.10
C GLN C 163 6.70 -24.65 -6.03
N HIS C 164 7.84 -24.06 -6.41
CA HIS C 164 8.85 -23.59 -5.44
C HIS C 164 8.72 -22.11 -5.11
N VAL C 165 7.77 -21.42 -5.75
CA VAL C 165 7.58 -19.97 -5.50
C VAL C 165 6.09 -19.74 -5.22
N LYS C 166 5.42 -20.64 -4.50
CA LYS C 166 3.96 -20.58 -4.24
C LYS C 166 3.62 -19.30 -3.51
N TYR C 167 4.41 -18.91 -2.52
CA TYR C 167 4.09 -17.80 -1.61
C TYR C 167 5.02 -16.59 -1.79
N LYS C 168 4.51 -15.42 -1.45
CA LYS C 168 5.20 -14.11 -1.55
C LYS C 168 6.57 -14.26 -0.87
N GLY C 169 7.61 -13.83 -1.56
CA GLY C 169 8.97 -13.77 -1.00
C GLY C 169 9.72 -15.06 -1.21
N GLN C 170 9.10 -16.12 -1.72
CA GLN C 170 9.79 -17.39 -2.00
C GLN C 170 10.53 -17.25 -3.34
N GLU C 171 11.66 -17.91 -3.46
CA GLU C 171 12.59 -17.75 -4.59
C GLU C 171 13.12 -19.09 -5.02
N ALA C 172 13.46 -19.27 -6.29
CA ALA C 172 14.01 -20.53 -6.84
C ALA C 172 14.87 -20.23 -8.05
N PHE C 173 15.86 -21.07 -8.34
CA PHE C 173 16.69 -20.87 -9.55
C PHE C 173 16.15 -21.67 -10.73
N VAL C 174 16.24 -21.03 -11.89
CA VAL C 174 15.85 -21.61 -13.20
C VAL C 174 17.15 -21.60 -13.99
N PRO C 175 17.56 -22.75 -14.54
CA PRO C 175 18.71 -22.75 -15.43
C PRO C 175 18.38 -21.88 -16.65
N GLY C 176 19.41 -21.25 -17.19
CA GLY C 176 19.28 -20.49 -18.44
C GLY C 176 18.64 -21.32 -19.52
N PHE C 177 17.78 -20.69 -20.32
CA PHE C 177 17.23 -21.25 -21.56
C PHE C 177 17.09 -20.08 -22.54
N ASN C 178 16.62 -20.40 -23.70
CA ASN C 178 16.53 -19.40 -24.79
C ASN C 178 15.24 -18.60 -24.63
N ILE C 179 15.37 -17.36 -24.13
CA ILE C 179 14.18 -16.50 -23.91
C ILE C 179 13.46 -16.21 -25.23
N GLU C 180 14.15 -16.25 -26.36
CA GLU C 180 13.52 -16.00 -27.67
C GLU C 180 12.43 -17.03 -27.98
N GLU C 181 12.51 -18.21 -27.37
CA GLU C 181 11.50 -19.27 -27.57
C GLU C 181 10.18 -18.87 -26.93
N LEU C 182 10.13 -17.85 -26.08
CA LEU C 182 8.87 -17.36 -25.45
C LEU C 182 8.17 -16.37 -26.40
N LEU C 183 8.86 -15.90 -27.44
CA LEU C 183 8.29 -14.94 -28.41
C LEU C 183 7.50 -15.66 -29.48
N PRO C 184 6.56 -14.97 -30.14
CA PRO C 184 5.78 -15.49 -31.26
C PRO C 184 6.52 -15.42 -32.59
N GLU C 185 5.73 -15.84 -33.60
CA GLU C 185 6.02 -15.82 -35.04
C GLU C 185 6.03 -14.38 -35.53
N ARG C 186 6.86 -14.10 -36.54
CA ARG C 186 6.85 -12.77 -37.22
C ARG C 186 6.83 -11.69 -36.13
N THR C 187 7.87 -11.68 -35.30
CA THR C 187 8.02 -10.61 -34.31
C THR C 187 8.10 -9.26 -35.01
N ALA C 188 8.29 -9.26 -36.34
CA ALA C 188 8.47 -8.00 -37.09
C ALA C 188 7.18 -7.18 -37.02
N GLU C 189 6.05 -7.83 -36.87
CA GLU C 189 4.73 -7.19 -36.77
C GLU C 189 4.36 -6.93 -35.32
N TYR C 190 4.15 -5.67 -35.00
CA TYR C 190 3.89 -5.26 -33.60
C TYR C 190 3.17 -3.93 -33.58
N TYR C 191 2.69 -3.64 -32.39
CA TYR C 191 2.10 -2.37 -31.94
C TYR C 191 3.09 -1.68 -31.02
N ARG C 192 3.26 -0.39 -31.23
CA ARG C 192 4.25 0.38 -30.46
C ARG C 192 3.61 1.67 -29.97
N TYR C 193 3.79 2.00 -28.71
CA TYR C 193 3.21 3.23 -28.14
C TYR C 193 3.94 3.60 -26.87
N ARG C 194 3.86 4.86 -26.50
CA ARG C 194 4.38 5.36 -25.21
C ARG C 194 3.35 5.15 -24.13
N GLY C 195 3.74 4.51 -23.02
CA GLY C 195 2.82 4.37 -21.92
C GLY C 195 3.55 4.24 -20.59
N SER C 196 3.06 3.37 -19.73
CA SER C 196 3.44 3.36 -18.32
C SER C 196 3.69 1.94 -17.84
N LEU C 197 4.30 1.90 -16.66
CA LEU C 197 4.14 0.66 -15.88
C LEU C 197 2.66 0.37 -15.71
N THR C 198 2.26 -0.89 -15.67
CA THR C 198 0.83 -1.25 -15.41
C THR C 198 0.59 -1.59 -13.95
N THR C 199 1.61 -1.42 -13.11
CA THR C 199 1.49 -1.58 -11.65
C THR C 199 1.99 -0.32 -11.00
N PRO C 200 1.58 -0.06 -9.72
CA PRO C 200 2.21 0.99 -8.92
C PRO C 200 3.71 0.84 -9.05
N PRO C 201 4.48 1.92 -9.21
CA PRO C 201 4.03 3.31 -9.17
C PRO C 201 3.53 3.95 -10.49
N CYS C 202 3.35 3.14 -11.51
CA CYS C 202 2.64 3.52 -12.77
C CYS C 202 3.45 4.59 -13.51
N ASN C 203 4.79 4.58 -13.38
CA ASN C 203 5.64 5.63 -14.03
C ASN C 203 5.36 5.66 -15.52
N PRO C 204 5.16 6.86 -16.12
CA PRO C 204 4.87 7.00 -17.57
C PRO C 204 6.16 7.04 -18.38
N THR C 205 6.94 5.97 -18.26
CA THR C 205 8.32 5.92 -18.78
C THR C 205 8.58 4.68 -19.60
N VAL C 206 7.55 4.03 -20.10
CA VAL C 206 7.69 2.77 -20.84
C VAL C 206 7.42 3.01 -22.32
N LEU C 207 8.32 2.51 -23.15
CA LEU C 207 8.05 2.31 -24.58
C LEU C 207 7.55 0.88 -24.75
N TRP C 208 6.29 0.73 -25.09
CA TRP C 208 5.68 -0.60 -25.26
C TRP C 208 5.85 -1.12 -26.67
N THR C 209 6.13 -2.41 -26.79
CA THR C 209 6.08 -3.19 -28.04
C THR C 209 5.20 -4.38 -27.74
N VAL C 210 4.02 -4.42 -28.36
CA VAL C 210 3.11 -5.58 -28.19
C VAL C 210 3.15 -6.35 -29.51
N PHE C 211 3.61 -7.59 -29.52
CA PHE C 211 3.67 -8.35 -30.77
C PHE C 211 2.29 -8.70 -31.27
N ARG C 212 2.10 -8.58 -32.58
CA ARG C 212 0.78 -8.85 -33.18
C ARG C 212 0.30 -10.29 -32.92
N ASN C 213 1.17 -11.24 -33.07
CA ASN C 213 0.84 -12.68 -33.10
C ASN C 213 0.94 -13.21 -31.69
N PRO C 214 -0.12 -13.88 -31.17
CA PRO C 214 0.00 -14.55 -29.89
C PRO C 214 0.80 -15.86 -29.98
N VAL C 215 1.31 -16.29 -28.84
CA VAL C 215 1.81 -17.68 -28.64
C VAL C 215 0.67 -18.49 -28.00
N GLN C 216 0.83 -19.82 -28.01
CA GLN C 216 -0.17 -20.72 -27.42
C GLN C 216 0.48 -21.51 -26.26
N ILE C 217 -0.26 -21.73 -25.16
CA ILE C 217 0.07 -22.72 -24.11
C ILE C 217 -1.17 -23.61 -23.94
N SER C 218 -1.02 -24.81 -23.39
CA SER C 218 -2.17 -25.74 -23.30
C SER C 218 -3.13 -25.26 -22.23
N GLN C 219 -4.33 -25.79 -22.27
CA GLN C 219 -5.33 -25.52 -21.21
C GLN C 219 -4.71 -26.00 -19.90
N GLU C 220 -3.99 -27.11 -19.89
CA GLU C 220 -3.40 -27.60 -18.62
C GLU C 220 -2.36 -26.61 -18.11
N GLN C 221 -1.50 -26.09 -18.98
CA GLN C 221 -0.49 -25.12 -18.57
C GLN C 221 -1.16 -23.87 -17.98
N LEU C 222 -2.16 -23.38 -18.70
CA LEU C 222 -2.89 -22.16 -18.23
C LEU C 222 -3.54 -22.38 -16.87
N LEU C 223 -4.18 -23.53 -16.69
CA LEU C 223 -4.81 -23.84 -15.39
C LEU C 223 -3.71 -23.91 -14.34
N ALA C 224 -2.59 -24.52 -14.65
CA ALA C 224 -1.48 -24.63 -13.69
C ALA C 224 -1.05 -23.21 -13.24
N LEU C 225 -0.85 -22.30 -14.20
CA LEU C 225 -0.42 -20.91 -13.84
C LEU C 225 -1.47 -20.22 -12.96
N GLU C 226 -2.75 -20.40 -13.30
CA GLU C 226 -3.87 -19.74 -12.59
C GLU C 226 -4.04 -20.29 -11.19
N THR C 227 -3.51 -21.47 -10.87
CA THR C 227 -3.77 -22.16 -9.59
C THR C 227 -2.50 -22.31 -8.74
N ALA C 228 -1.32 -21.94 -9.22
CA ALA C 228 -0.05 -22.29 -8.56
C ALA C 228 0.25 -21.37 -7.40
N LEU C 229 -0.12 -20.09 -7.45
CA LEU C 229 0.53 -19.06 -6.64
C LEU C 229 -0.43 -18.31 -5.74
N TYR C 230 0.16 -17.77 -4.69
CA TYR C 230 -0.49 -16.95 -3.67
C TYR C 230 0.17 -15.58 -3.58
N CYS C 231 -0.62 -14.58 -3.25
CA CYS C 231 -0.12 -13.18 -3.14
C CYS C 231 0.48 -12.92 -1.76
N THR C 232 0.27 -13.84 -0.85
CA THR C 232 0.55 -13.63 0.57
C THR C 232 1.77 -14.43 0.97
N HIS C 233 2.43 -13.98 2.02
CA HIS C 233 3.55 -14.71 2.65
C HIS C 233 3.07 -16.00 3.33
N MET C 234 4.02 -16.91 3.50
CA MET C 234 3.79 -18.20 4.20
C MET C 234 3.20 -18.01 5.61
N ASP C 235 3.32 -16.84 6.24
CA ASP C 235 2.83 -16.64 7.64
C ASP C 235 1.60 -15.74 7.66
N ASP C 236 1.01 -15.45 6.51
CA ASP C 236 -0.12 -14.49 6.43
C ASP C 236 -1.38 -15.20 6.91
N PRO C 237 -2.11 -14.60 7.87
CA PRO C 237 -3.31 -15.25 8.41
C PRO C 237 -4.51 -15.23 7.45
N SER C 238 -4.39 -14.55 6.31
CA SER C 238 -5.51 -14.34 5.35
C SER C 238 -4.96 -14.52 3.94
N PRO C 239 -4.76 -15.78 3.52
CA PRO C 239 -4.07 -16.04 2.26
C PRO C 239 -4.98 -15.64 1.11
N ARG C 240 -4.39 -15.15 0.02
CA ARG C 240 -5.08 -14.69 -1.21
C ARG C 240 -4.44 -15.42 -2.38
N GLU C 241 -5.18 -16.23 -3.11
CA GLU C 241 -4.77 -16.78 -4.42
C GLU C 241 -4.39 -15.66 -5.39
N MET C 242 -3.31 -15.91 -6.12
CA MET C 242 -2.85 -14.95 -7.14
C MET C 242 -3.57 -15.25 -8.44
N ILE C 243 -4.65 -14.52 -8.67
CA ILE C 243 -5.53 -14.61 -9.85
C ILE C 243 -5.85 -13.18 -10.27
N ASN C 244 -6.24 -13.02 -11.54
CA ASN C 244 -6.74 -11.73 -12.10
C ASN C 244 -5.76 -10.62 -11.81
N ASN C 245 -4.47 -10.90 -12.02
CA ASN C 245 -3.40 -9.95 -11.65
C ASN C 245 -3.08 -9.11 -12.89
N PHE C 246 -4.10 -8.47 -13.44
CA PHE C 246 -4.01 -7.59 -14.62
C PHE C 246 -4.75 -6.32 -14.32
N ARG C 247 -4.26 -5.22 -14.91
CA ARG C 247 -4.97 -3.92 -14.84
C ARG C 247 -6.01 -3.82 -15.98
N GLN C 248 -7.14 -3.19 -15.71
CA GLN C 248 -8.13 -2.86 -16.74
C GLN C 248 -7.48 -1.91 -17.77
N VAL C 249 -7.96 -1.96 -18.98
CA VAL C 249 -7.46 -1.02 -20.00
C VAL C 249 -7.83 0.41 -19.58
N GLN C 250 -7.03 1.36 -20.04
CA GLN C 250 -7.06 2.81 -19.70
C GLN C 250 -7.66 3.62 -20.85
N LYS C 251 -8.21 4.77 -20.55
CA LYS C 251 -8.57 5.72 -21.61
C LYS C 251 -7.32 5.94 -22.45
N PHE C 252 -7.55 6.19 -23.74
CA PHE C 252 -6.48 6.41 -24.74
C PHE C 252 -7.00 7.41 -25.75
N ASP C 253 -6.79 8.67 -25.44
CA ASP C 253 -7.43 9.82 -26.13
C ASP C 253 -6.37 10.80 -26.67
N GLU C 254 -6.56 11.29 -27.91
CA GLU C 254 -5.71 12.29 -28.62
C GLU C 254 -4.31 11.70 -28.83
N ARG C 255 -4.22 10.42 -29.17
CA ARG C 255 -2.93 9.67 -29.11
C ARG C 255 -3.02 8.44 -29.97
N LEU C 256 -1.86 7.89 -30.32
CA LEU C 256 -1.81 6.92 -31.41
C LEU C 256 -0.89 5.78 -31.01
N VAL C 257 -1.30 4.64 -31.51
CA VAL C 257 -0.49 3.42 -31.50
C VAL C 257 0.07 3.30 -32.91
N TYR C 258 1.35 3.07 -33.01
CA TYR C 258 1.96 2.92 -34.36
C TYR C 258 2.13 1.44 -34.64
N THR C 259 1.83 0.98 -35.86
CA THR C 259 1.96 -0.45 -36.22
C THR C 259 3.04 -0.64 -37.26
N SER C 260 3.72 -1.78 -37.21
CA SER C 260 4.75 -2.11 -38.21
C SER C 260 4.13 -2.93 -39.33
N PHE C 261 2.82 -3.06 -39.33
CA PHE C 261 2.07 -3.83 -40.35
C PHE C 261 0.89 -2.99 -40.84
N SER C 262 0.55 -3.11 -42.14
CA SER C 262 -0.53 -2.34 -42.81
C SER C 262 -1.88 -3.01 -42.53
N LYS D 3 23.57 -2.41 37.16
CA LYS D 3 23.98 -1.14 36.50
C LYS D 3 23.17 -0.91 35.21
N TRP D 4 23.17 -1.79 34.18
CA TRP D 4 22.18 -1.67 33.07
C TRP D 4 21.61 -3.02 32.65
N THR D 5 20.38 -3.02 32.18
CA THR D 5 19.68 -4.24 31.75
C THR D 5 18.86 -3.92 30.50
N TYR D 6 18.12 -4.92 29.99
CA TYR D 6 17.14 -4.70 28.89
C TYR D 6 15.69 -4.86 29.39
N PHE D 7 15.50 -5.04 30.72
CA PHE D 7 14.16 -5.30 31.29
C PHE D 7 14.03 -4.63 32.65
N GLY D 8 12.95 -3.86 32.83
CA GLY D 8 12.59 -3.28 34.13
C GLY D 8 13.29 -1.94 34.37
N PRO D 9 13.49 -1.57 35.65
CA PRO D 9 13.77 -0.18 35.98
C PRO D 9 15.14 0.30 35.50
N ASP D 10 16.06 -0.62 35.21
CA ASP D 10 17.41 -0.29 34.70
C ASP D 10 17.51 -0.59 33.21
N GLY D 11 16.36 -0.74 32.57
CA GLY D 11 16.23 -0.95 31.11
C GLY D 11 16.58 0.23 30.24
N GLU D 12 16.37 0.04 28.94
CA GLU D 12 16.98 0.93 27.96
C GLU D 12 16.50 2.38 28.07
N ASN D 13 15.28 2.61 28.55
CA ASN D 13 14.82 4.01 28.64
C ASN D 13 15.57 4.76 29.75
N SER D 14 16.23 4.05 30.62
CA SER D 14 16.98 4.62 31.76
C SER D 14 18.48 4.60 31.52
N TRP D 15 18.99 4.04 30.43
CA TRP D 15 20.45 4.05 30.19
C TRP D 15 21.00 5.46 30.28
N SER D 16 20.30 6.45 29.75
CA SER D 16 20.84 7.84 29.62
C SER D 16 21.11 8.46 31.01
N LYS D 17 20.56 7.91 32.07
CA LYS D 17 20.79 8.49 33.43
C LYS D 17 22.27 8.44 33.78
N LYS D 18 22.92 7.33 33.50
CA LYS D 18 24.34 7.14 33.88
C LYS D 18 25.22 7.04 32.65
N TYR D 19 24.67 6.89 31.45
CA TYR D 19 25.41 6.76 30.19
C TYR D 19 24.80 7.76 29.26
N PRO D 20 25.17 9.04 29.37
CA PRO D 20 24.51 10.11 28.64
C PRO D 20 24.46 9.89 27.12
N SER D 21 25.48 9.29 26.51
CA SER D 21 25.48 9.14 25.04
C SER D 21 24.32 8.23 24.60
N CYS D 22 23.74 7.45 25.48
CA CYS D 22 22.55 6.64 25.12
C CYS D 22 21.38 7.55 24.75
N GLY D 23 21.32 8.78 25.24
CA GLY D 23 20.38 9.86 24.80
C GLY D 23 20.93 10.86 23.84
N GLY D 24 22.02 10.56 23.16
CA GLY D 24 22.72 11.45 22.28
C GLY D 24 22.50 11.12 20.84
N LEU D 25 23.42 11.58 20.02
CA LEU D 25 23.32 11.56 18.57
C LEU D 25 23.67 10.19 18.04
N LEU D 26 23.31 9.97 16.77
CA LEU D 26 23.80 8.85 15.95
C LEU D 26 23.51 7.47 16.62
N GLN D 27 22.38 7.32 17.30
CA GLN D 27 22.09 6.06 17.99
C GLN D 27 21.63 4.97 17.00
N SER D 28 22.05 3.78 17.40
CA SER D 28 21.71 2.52 16.72
C SER D 28 20.96 1.63 17.71
N PRO D 29 20.23 0.61 17.26
CA PRO D 29 19.99 0.25 15.87
C PRO D 29 18.84 1.03 15.25
N ILE D 30 18.52 0.72 14.01
CA ILE D 30 17.51 1.49 13.24
C ILE D 30 16.71 0.49 12.39
N ASP D 31 15.55 0.96 11.92
CA ASP D 31 14.75 0.27 10.91
C ASP D 31 15.23 0.71 9.52
N LEU D 32 15.70 -0.24 8.75
CA LEU D 32 16.18 -0.06 7.36
C LEU D 32 14.94 -0.13 6.48
N HIS D 33 14.51 1.03 5.93
CA HIS D 33 13.24 1.15 5.18
C HIS D 33 13.42 2.16 4.06
N SER D 34 12.63 2.03 2.98
CA SER D 34 12.88 2.72 1.70
C SER D 34 13.06 4.20 1.91
N ASP D 35 12.28 4.81 2.80
CA ASP D 35 12.25 6.30 2.93
C ASP D 35 13.61 6.86 3.36
N ILE D 36 14.48 6.05 3.97
CA ILE D 36 15.79 6.57 4.46
C ILE D 36 16.95 5.91 3.72
N LEU D 37 16.68 5.12 2.70
CA LEU D 37 17.77 4.45 1.93
C LEU D 37 18.14 5.26 0.69
N GLN D 38 19.42 5.21 0.34
CA GLN D 38 19.94 5.76 -0.93
C GLN D 38 21.04 4.80 -1.43
N TYR D 39 20.90 4.34 -2.66
CA TYR D 39 21.93 3.56 -3.37
C TYR D 39 23.18 4.43 -3.52
N ASP D 40 24.37 3.89 -3.26
CA ASP D 40 25.66 4.62 -3.43
C ASP D 40 26.63 3.68 -4.18
N ALA D 41 26.93 4.01 -5.44
CA ALA D 41 27.78 3.16 -6.30
C ALA D 41 29.25 3.25 -5.90
N SER D 42 29.64 4.17 -5.04
CA SER D 42 31.02 4.21 -4.49
C SER D 42 31.25 3.09 -3.46
N LEU D 43 30.20 2.47 -2.91
CA LEU D 43 30.33 1.39 -1.89
C LEU D 43 30.85 0.10 -2.51
N THR D 44 32.10 -0.25 -2.22
CA THR D 44 32.78 -1.44 -2.80
C THR D 44 32.64 -2.64 -1.85
N PRO D 45 32.87 -3.88 -2.34
CA PRO D 45 32.81 -5.06 -1.48
C PRO D 45 33.91 -5.01 -0.41
N LEU D 46 33.56 -5.36 0.83
CA LEU D 46 34.57 -5.57 1.90
C LEU D 46 35.35 -6.86 1.67
N GLU D 47 36.62 -6.81 2.03
CA GLU D 47 37.48 -8.01 2.08
C GLU D 47 37.76 -8.33 3.54
N PHE D 48 37.83 -9.62 3.84
CA PHE D 48 38.05 -10.12 5.22
C PHE D 48 39.38 -10.85 5.27
N GLN D 49 40.35 -10.30 5.97
CA GLN D 49 41.74 -10.81 6.02
C GLN D 49 42.02 -11.40 7.40
N GLY D 50 42.70 -12.54 7.48
CA GLY D 50 43.08 -13.13 8.78
C GLY D 50 41.90 -13.77 9.48
N TYR D 51 40.81 -14.03 8.76
CA TYR D 51 39.55 -14.56 9.37
C TYR D 51 39.63 -16.07 9.56
N ASN D 52 40.60 -16.72 8.91
CA ASN D 52 40.78 -18.19 9.06
C ASN D 52 41.59 -18.50 10.33
N LEU D 53 40.96 -18.51 11.49
CA LEU D 53 41.62 -18.85 12.76
C LEU D 53 41.95 -20.34 12.84
N SER D 54 43.11 -20.62 13.43
CA SER D 54 43.63 -22.00 13.60
C SER D 54 42.79 -22.73 14.63
N ALA D 55 42.39 -23.94 14.27
CA ALA D 55 41.76 -24.87 15.23
C ALA D 55 42.72 -25.29 16.35
N ASN D 56 44.02 -25.05 16.21
CA ASN D 56 45.03 -25.39 17.26
C ASN D 56 45.22 -24.25 18.26
N LYS D 57 44.47 -23.16 18.11
CA LYS D 57 44.49 -22.00 19.01
C LYS D 57 43.12 -21.88 19.65
N GLN D 58 43.10 -21.35 20.86
CA GLN D 58 41.88 -21.21 21.70
C GLN D 58 41.52 -19.73 21.81
N PHE D 59 40.22 -19.45 21.67
CA PHE D 59 39.64 -18.09 21.81
C PHE D 59 38.66 -18.07 22.98
N LEU D 60 38.76 -17.06 23.84
CA LEU D 60 37.95 -16.91 25.06
C LEU D 60 36.51 -16.52 24.74
N LEU D 61 35.59 -17.36 25.19
CA LEU D 61 34.12 -17.13 25.18
C LEU D 61 33.69 -16.79 26.60
N THR D 62 32.98 -15.67 26.79
CA THR D 62 32.61 -15.11 28.11
C THR D 62 31.14 -14.71 28.09
N ASN D 63 30.46 -15.04 29.16
CA ASN D 63 29.17 -14.42 29.49
C ASN D 63 29.48 -13.17 30.29
N ASN D 64 29.20 -11.99 29.75
CA ASN D 64 29.56 -10.73 30.45
C ASN D 64 28.34 -10.15 31.16
N GLY D 65 27.24 -10.89 31.22
CA GLY D 65 25.99 -10.47 31.89
C GLY D 65 24.98 -9.87 30.92
N HIS D 66 25.40 -9.54 29.69
CA HIS D 66 24.48 -8.89 28.72
C HIS D 66 24.39 -9.63 27.39
N SER D 67 25.43 -10.35 27.01
CA SER D 67 25.52 -11.24 25.85
C SER D 67 26.58 -12.31 26.09
N VAL D 68 26.72 -13.20 25.13
CA VAL D 68 27.91 -14.09 25.04
C VAL D 68 28.85 -13.48 24.03
N LYS D 69 30.11 -13.34 24.41
CA LYS D 69 31.11 -12.64 23.57
C LYS D 69 32.29 -13.59 23.29
N LEU D 70 32.80 -13.58 22.08
CA LEU D 70 34.02 -14.32 21.66
C LEU D 70 35.12 -13.32 21.40
N ASN D 71 36.22 -13.40 22.15
CA ASN D 71 37.38 -12.53 21.85
C ASN D 71 38.01 -12.94 20.53
N LEU D 72 38.38 -11.98 19.73
CA LEU D 72 38.96 -12.16 18.38
C LEU D 72 40.30 -11.45 18.33
N PRO D 73 41.24 -11.99 17.55
CA PRO D 73 42.57 -11.41 17.44
C PRO D 73 42.62 -10.26 16.46
N SER D 74 43.53 -9.30 16.70
CA SER D 74 43.70 -8.10 15.86
C SER D 74 44.38 -8.46 14.53
N ASP D 75 44.81 -9.72 14.35
CA ASP D 75 45.26 -10.21 13.02
C ASP D 75 44.10 -10.18 11.98
N MET D 76 42.86 -10.26 12.46
CA MET D 76 41.66 -10.22 11.60
C MET D 76 41.43 -8.76 11.20
N HIS D 77 41.32 -8.47 9.92
CA HIS D 77 41.14 -7.07 9.44
C HIS D 77 39.96 -7.04 8.47
N ILE D 78 39.31 -5.90 8.40
CA ILE D 78 38.47 -5.50 7.24
C ILE D 78 39.32 -4.67 6.30
N GLN D 79 39.26 -4.99 5.03
CA GLN D 79 39.81 -4.17 3.91
C GLN D 79 38.65 -3.56 3.13
N GLY D 80 38.74 -2.28 2.72
CA GLY D 80 37.69 -1.64 1.92
C GLY D 80 37.05 -0.46 2.63
N LEU D 81 37.45 -0.17 3.88
CA LEU D 81 37.04 1.08 4.55
C LEU D 81 38.17 2.12 4.42
N GLN D 82 37.90 3.34 4.83
CA GLN D 82 38.85 4.48 4.84
C GLN D 82 40.14 4.07 5.52
N SER D 83 39.99 3.42 6.67
CA SER D 83 41.06 2.95 7.57
C SER D 83 41.01 1.42 7.63
N ARG D 84 42.12 0.83 8.02
CA ARG D 84 42.07 -0.60 8.40
C ARG D 84 41.37 -0.70 9.75
N TYR D 85 40.40 -1.60 9.84
CA TYR D 85 39.78 -1.98 11.12
C TYR D 85 40.21 -3.39 11.51
N SER D 86 40.59 -3.58 12.76
CA SER D 86 41.07 -4.89 13.28
C SER D 86 40.08 -5.43 14.30
N ALA D 87 39.87 -6.74 14.30
CA ALA D 87 38.79 -7.32 15.10
C ALA D 87 39.11 -7.24 16.57
N THR D 88 38.13 -7.12 17.43
CA THR D 88 38.30 -7.21 18.88
C THR D 88 37.39 -8.31 19.44
N GLN D 89 36.14 -8.47 18.94
CA GLN D 89 35.23 -9.45 19.56
C GLN D 89 33.97 -9.59 18.72
N LEU D 90 33.30 -10.70 18.88
CA LEU D 90 31.92 -10.84 18.35
C LEU D 90 30.97 -11.24 19.47
N HIS D 91 29.70 -10.99 19.23
CA HIS D 91 28.63 -11.28 20.21
C HIS D 91 27.29 -11.32 19.51
N LEU D 92 26.24 -11.67 20.24
CA LEU D 92 24.90 -11.85 19.64
C LEU D 92 23.85 -11.07 20.42
N HIS D 93 22.69 -10.98 19.79
CA HIS D 93 21.47 -10.42 20.41
C HIS D 93 20.31 -11.30 19.95
N TRP D 94 19.36 -11.58 20.82
CA TRP D 94 18.21 -12.45 20.51
C TRP D 94 17.00 -12.11 21.37
N GLY D 95 15.89 -12.81 21.08
CA GLY D 95 14.58 -12.54 21.69
C GLY D 95 14.30 -13.55 22.79
N ASN D 96 13.18 -14.26 22.66
CA ASN D 96 12.80 -15.23 23.72
C ASN D 96 11.93 -16.25 23.02
N PRO D 97 11.76 -17.42 23.64
CA PRO D 97 11.07 -18.49 22.94
C PRO D 97 9.61 -18.20 22.55
N ASN D 98 8.96 -17.29 23.26
CA ASN D 98 7.54 -16.91 23.01
C ASN D 98 7.45 -15.76 22.00
N ASP D 99 8.57 -15.18 21.56
CA ASP D 99 8.57 -14.06 20.60
C ASP D 99 9.96 -14.02 20.01
N PRO D 100 10.25 -14.98 19.13
CA PRO D 100 11.64 -15.27 18.74
C PRO D 100 12.10 -14.32 17.64
N HIS D 101 12.01 -13.04 17.94
CA HIS D 101 12.28 -11.94 16.99
C HIS D 101 13.17 -10.88 17.66
N GLY D 102 14.46 -11.12 17.75
CA GLY D 102 15.34 -10.33 18.63
C GLY D 102 16.55 -9.79 17.91
N SER D 103 16.47 -9.61 16.59
CA SER D 103 17.51 -8.81 15.91
C SER D 103 17.43 -7.37 16.40
N GLU D 104 18.54 -6.67 16.34
CA GLU D 104 18.57 -5.21 16.66
C GLU D 104 18.06 -4.37 15.47
N HIS D 105 18.71 -4.52 14.34
CA HIS D 105 18.21 -3.86 13.11
C HIS D 105 16.95 -4.59 12.65
N THR D 106 16.07 -3.82 12.03
CA THR D 106 14.90 -4.37 11.34
C THR D 106 14.99 -3.92 9.90
N VAL D 107 14.28 -4.67 9.06
CA VAL D 107 14.20 -4.36 7.60
C VAL D 107 12.73 -4.20 7.25
N SER D 108 12.36 -3.00 6.82
CA SER D 108 10.94 -2.69 6.50
C SER D 108 10.07 -3.11 7.69
N GLY D 109 10.54 -2.79 8.89
CA GLY D 109 9.81 -2.98 10.16
C GLY D 109 9.88 -4.38 10.70
N GLN D 110 10.53 -5.30 10.01
CA GLN D 110 10.57 -6.71 10.40
C GLN D 110 11.83 -7.05 11.19
N HIS D 111 11.62 -7.66 12.33
CA HIS D 111 12.71 -8.23 13.14
C HIS D 111 13.13 -9.52 12.47
N PHE D 112 14.38 -9.86 12.62
CA PHE D 112 14.86 -11.23 12.39
C PHE D 112 14.98 -11.91 13.75
N ALA D 113 15.28 -13.20 13.75
CA ALA D 113 15.31 -14.00 14.96
C ALA D 113 16.41 -13.52 15.89
N ALA D 114 17.60 -13.19 15.37
CA ALA D 114 18.78 -12.81 16.16
C ALA D 114 19.70 -11.99 15.26
N GLU D 115 20.79 -11.51 15.84
CA GLU D 115 21.76 -10.69 15.10
C GLU D 115 23.14 -10.98 15.68
N LEU D 116 24.15 -11.12 14.80
CA LEU D 116 25.58 -11.25 15.18
C LEU D 116 26.26 -9.95 14.94
N HIS D 117 27.07 -9.50 15.89
CA HIS D 117 27.94 -8.32 15.69
C HIS D 117 29.41 -8.72 15.73
N ILE D 118 30.16 -8.39 14.70
CA ILE D 118 31.64 -8.58 14.72
C ILE D 118 32.26 -7.21 14.85
N VAL D 119 32.80 -6.92 16.03
CA VAL D 119 33.24 -5.57 16.43
C VAL D 119 34.72 -5.46 16.04
N HIS D 120 35.07 -4.38 15.37
CA HIS D 120 36.47 -4.03 15.01
C HIS D 120 36.75 -2.61 15.44
N TYR D 121 38.05 -2.28 15.53
CA TYR D 121 38.55 -0.95 15.94
C TYR D 121 39.52 -0.45 14.86
N ASN D 122 39.67 0.85 14.81
CA ASN D 122 40.53 1.54 13.82
C ASN D 122 41.98 1.43 14.31
N SER D 123 42.70 0.48 13.74
CA SER D 123 44.09 0.14 14.11
C SER D 123 45.05 1.06 13.36
N ASP D 124 44.59 1.80 12.36
CA ASP D 124 45.43 2.86 11.72
C ASP D 124 45.52 4.06 12.67
N LEU D 125 44.42 4.49 13.27
CA LEU D 125 44.46 5.63 14.24
C LEU D 125 44.73 5.26 15.71
N TYR D 126 44.39 4.07 16.20
CA TYR D 126 44.37 3.77 17.65
C TYR D 126 45.09 2.47 17.95
N PRO D 127 45.72 2.36 19.15
CA PRO D 127 46.50 1.18 19.51
C PRO D 127 45.66 -0.03 19.97
N ASP D 128 44.40 0.18 20.39
CA ASP D 128 43.53 -0.92 20.88
C ASP D 128 42.08 -0.47 20.88
N ALA D 129 41.15 -1.41 21.10
CA ALA D 129 39.70 -1.19 20.97
C ALA D 129 39.26 -0.23 22.07
N SER D 130 39.81 -0.38 23.27
CA SER D 130 39.40 0.48 24.42
C SER D 130 39.73 1.94 24.07
N THR D 131 40.91 2.17 23.53
CA THR D 131 41.36 3.53 23.20
C THR D 131 40.43 4.06 22.10
N ALA D 132 40.11 3.24 21.08
CA ALA D 132 39.32 3.66 19.91
C ALA D 132 37.84 3.89 20.30
N SER D 133 37.38 3.25 21.37
CA SER D 133 35.92 3.02 21.58
C SER D 133 35.17 4.36 21.61
N ASN D 134 35.72 5.36 22.28
CA ASN D 134 35.05 6.65 22.53
C ASN D 134 35.69 7.74 21.66
N LYS D 135 36.33 7.35 20.57
CA LYS D 135 37.08 8.29 19.72
C LYS D 135 36.53 8.26 18.32
N SER D 136 36.91 9.28 17.55
CA SER D 136 36.41 9.56 16.19
C SER D 136 36.87 8.46 15.23
N GLU D 137 35.95 7.95 14.41
CA GLU D 137 36.25 6.80 13.51
C GLU D 137 36.78 5.58 14.29
N GLY D 138 36.28 5.37 15.47
CA GLY D 138 36.92 4.40 16.37
C GLY D 138 36.58 2.97 16.03
N LEU D 139 35.33 2.70 15.70
CA LEU D 139 34.81 1.35 15.52
C LEU D 139 34.09 1.14 14.19
N ALA D 140 34.14 -0.12 13.76
CA ALA D 140 33.40 -0.64 12.62
C ALA D 140 32.82 -2.00 12.98
N VAL D 141 31.53 -2.11 12.82
CA VAL D 141 30.83 -3.38 13.20
C VAL D 141 30.18 -4.01 11.97
N LEU D 142 30.39 -5.32 11.83
CA LEU D 142 29.69 -6.11 10.83
C LEU D 142 28.48 -6.72 11.50
N ALA D 143 27.30 -6.55 10.93
CA ALA D 143 26.07 -7.12 11.48
C ALA D 143 25.52 -8.18 10.53
N VAL D 144 25.19 -9.32 11.10
CA VAL D 144 24.58 -10.45 10.38
C VAL D 144 23.21 -10.69 10.97
N LEU D 145 22.20 -10.58 10.10
CA LEU D 145 20.83 -10.99 10.47
C LEU D 145 20.74 -12.51 10.44
N ILE D 146 20.01 -13.02 11.39
CA ILE D 146 19.82 -14.50 11.59
C ILE D 146 18.33 -14.80 11.51
N GLU D 147 17.98 -15.81 10.70
CA GLU D 147 16.60 -16.35 10.67
C GLU D 147 16.62 -17.86 10.91
N MET D 148 15.46 -18.43 11.20
CA MET D 148 15.23 -19.89 11.24
C MET D 148 15.36 -20.51 9.82
N GLY D 149 16.04 -21.65 9.77
CA GLY D 149 16.16 -22.50 8.57
C GLY D 149 16.92 -23.74 8.88
N SER D 150 17.88 -24.10 8.04
CA SER D 150 18.73 -25.29 8.19
C SER D 150 19.70 -25.16 9.38
N PHE D 151 20.03 -26.28 10.01
CA PHE D 151 21.11 -26.40 11.02
C PHE D 151 22.37 -25.78 10.43
N ASN D 152 23.02 -24.94 11.23
CA ASN D 152 24.22 -24.21 10.84
C ASN D 152 25.41 -24.75 11.62
N PRO D 153 26.24 -25.64 11.01
CA PRO D 153 27.41 -26.16 11.71
C PRO D 153 28.43 -25.10 12.15
N SER D 154 28.56 -24.00 11.41
CA SER D 154 29.52 -22.93 11.75
C SER D 154 29.10 -22.18 13.02
N TYR D 155 27.84 -21.77 13.08
CA TYR D 155 27.32 -21.14 14.32
C TYR D 155 27.35 -22.14 15.49
N ASP D 156 27.22 -23.45 15.23
CA ASP D 156 27.34 -24.44 16.33
C ASP D 156 28.75 -24.51 16.92
N LYS D 157 29.78 -24.04 16.22
CA LYS D 157 31.15 -23.96 16.79
C LYS D 157 31.15 -23.00 17.97
N ILE D 158 30.16 -22.12 18.04
CA ILE D 158 29.97 -21.25 19.21
C ILE D 158 28.92 -21.89 20.12
N PHE D 159 27.78 -22.26 19.57
CA PHE D 159 26.61 -22.65 20.39
C PHE D 159 26.87 -23.91 21.21
N SER D 160 27.75 -24.76 20.70
CA SER D 160 28.08 -26.03 21.40
C SER D 160 28.76 -25.76 22.74
N HIS D 161 29.23 -24.54 23.01
CA HIS D 161 29.91 -24.22 24.29
C HIS D 161 28.98 -23.46 25.25
N LEU D 162 27.73 -23.18 24.87
CA LEU D 162 26.84 -22.29 25.69
C LEU D 162 26.65 -22.85 27.10
N GLN D 163 26.49 -24.17 27.21
CA GLN D 163 26.28 -24.81 28.53
C GLN D 163 27.47 -24.59 29.46
N HIS D 164 28.63 -24.10 29.01
CA HIS D 164 29.80 -23.80 29.89
C HIS D 164 29.92 -22.32 30.24
N VAL D 165 29.01 -21.46 29.79
CA VAL D 165 29.10 -20.01 30.14
C VAL D 165 27.71 -19.51 30.54
N LYS D 166 26.96 -20.31 31.27
CA LYS D 166 25.55 -20.01 31.60
C LYS D 166 25.40 -18.71 32.42
N TYR D 167 26.38 -18.36 33.24
CA TYR D 167 26.21 -17.28 34.25
C TYR D 167 27.31 -16.23 34.06
N LYS D 168 26.97 -15.02 34.50
CA LYS D 168 27.84 -13.82 34.37
C LYS D 168 29.24 -14.13 34.89
N GLY D 169 30.25 -13.77 34.08
CA GLY D 169 31.69 -13.91 34.37
C GLY D 169 32.24 -15.27 33.98
N GLN D 170 31.39 -16.26 33.71
CA GLN D 170 31.88 -17.61 33.31
C GLN D 170 32.52 -17.53 31.92
N GLU D 171 33.49 -18.40 31.71
CA GLU D 171 34.38 -18.42 30.54
C GLU D 171 34.52 -19.85 30.02
N ALA D 172 34.78 -19.97 28.72
CA ALA D 172 35.08 -21.25 28.04
C ALA D 172 35.95 -20.92 26.83
N PHE D 173 36.60 -21.93 26.27
CA PHE D 173 37.53 -21.79 25.14
C PHE D 173 36.91 -22.45 23.91
N VAL D 174 37.03 -21.75 22.78
CA VAL D 174 36.48 -22.15 21.46
C VAL D 174 37.65 -22.24 20.51
N PRO D 175 37.91 -23.43 19.94
CA PRO D 175 38.97 -23.58 18.96
C PRO D 175 38.68 -22.67 17.76
N GLY D 176 39.76 -22.09 17.26
CA GLY D 176 39.68 -21.27 16.05
C GLY D 176 38.90 -21.95 14.95
N PHE D 177 38.21 -21.16 14.14
CA PHE D 177 37.60 -21.57 12.86
C PHE D 177 37.56 -20.35 11.97
N ASN D 178 37.17 -20.54 10.75
CA ASN D 178 37.09 -19.42 9.77
C ASN D 178 35.83 -18.61 10.09
N ILE D 179 36.03 -17.39 10.57
CA ILE D 179 34.92 -16.50 11.01
C ILE D 179 34.08 -16.09 9.81
N GLU D 180 34.59 -16.20 8.57
CA GLU D 180 33.77 -15.86 7.39
C GLU D 180 32.57 -16.82 7.29
N GLU D 181 32.70 -17.98 7.91
CA GLU D 181 31.61 -19.00 7.89
C GLU D 181 30.37 -18.48 8.64
N LEU D 182 30.50 -17.43 9.45
CA LEU D 182 29.36 -16.78 10.14
C LEU D 182 28.69 -15.73 9.26
N LEU D 183 29.29 -15.41 8.13
CA LEU D 183 28.79 -14.36 7.25
C LEU D 183 27.84 -14.99 6.23
N PRO D 184 26.91 -14.18 5.71
CA PRO D 184 26.01 -14.60 4.64
C PRO D 184 26.70 -14.70 3.28
N GLU D 185 25.88 -15.14 2.30
CA GLU D 185 26.14 -15.04 0.84
C GLU D 185 26.15 -13.57 0.43
N ARG D 186 26.81 -13.26 -0.69
CA ARG D 186 26.77 -11.92 -1.34
C ARG D 186 26.96 -10.87 -0.24
N THR D 187 28.06 -10.99 0.50
CA THR D 187 28.39 -9.94 1.45
C THR D 187 28.52 -8.62 0.68
N ALA D 188 28.66 -8.64 -0.65
CA ALA D 188 28.84 -7.38 -1.38
C ALA D 188 27.59 -6.49 -1.23
N GLU D 189 26.41 -7.06 -0.94
CA GLU D 189 25.13 -6.31 -0.72
C GLU D 189 24.95 -6.05 0.78
N TYR D 190 24.99 -4.78 1.13
CA TYR D 190 24.88 -4.33 2.53
C TYR D 190 24.31 -2.91 2.63
N TYR D 191 23.88 -2.61 3.84
CA TYR D 191 23.50 -1.25 4.30
C TYR D 191 24.67 -0.68 5.09
N ARG D 192 24.93 0.59 4.90
CA ARG D 192 26.06 1.30 5.54
C ARG D 192 25.53 2.57 6.16
N TYR D 193 25.84 2.83 7.41
CA TYR D 193 25.49 4.12 8.06
C TYR D 193 26.41 4.35 9.25
N ARG D 194 26.45 5.60 9.68
CA ARG D 194 27.21 6.01 10.89
C ARG D 194 26.24 5.96 12.08
N GLY D 195 26.59 5.16 13.11
CA GLY D 195 25.77 5.03 14.31
C GLY D 195 26.58 4.80 15.54
N SER D 196 26.06 4.00 16.45
CA SER D 196 26.61 3.92 17.83
C SER D 196 26.75 2.50 18.28
N LEU D 197 27.44 2.31 19.40
CA LEU D 197 27.23 1.11 20.21
C LEU D 197 25.75 0.99 20.54
N THR D 198 25.19 -0.23 20.50
CA THR D 198 23.78 -0.45 20.89
C THR D 198 23.64 -0.91 22.36
N THR D 199 24.68 -0.75 23.05
CA THR D 199 24.74 -0.96 24.52
C THR D 199 25.42 0.22 25.18
N PRO D 200 25.17 0.44 26.50
CA PRO D 200 25.99 1.42 27.24
C PRO D 200 27.46 1.12 26.96
N PRO D 201 28.33 2.11 26.75
CA PRO D 201 28.01 3.55 26.87
C PRO D 201 27.39 4.25 25.65
N CYS D 202 27.01 3.47 24.63
CA CYS D 202 26.29 4.00 23.42
C CYS D 202 27.12 5.05 22.68
N ASN D 203 28.45 4.90 22.69
CA ASN D 203 29.31 5.86 22.00
C ASN D 203 28.92 5.97 20.52
N PRO D 204 28.82 7.19 19.96
CA PRO D 204 28.42 7.42 18.55
C PRO D 204 29.62 7.30 17.61
N THR D 205 30.32 6.18 17.66
CA THR D 205 31.67 6.04 17.07
C THR D 205 31.71 4.81 16.15
N VAL D 206 30.56 4.28 15.71
CA VAL D 206 30.49 3.04 14.91
C VAL D 206 30.11 3.31 13.46
N LEU D 207 30.94 2.84 12.56
CA LEU D 207 30.58 2.63 11.14
C LEU D 207 29.95 1.25 10.99
N TRP D 208 28.64 1.26 10.76
CA TRP D 208 27.83 0.01 10.64
C TRP D 208 27.81 -0.49 9.22
N THR D 209 27.99 -1.81 9.10
CA THR D 209 27.77 -2.56 7.84
C THR D 209 26.76 -3.64 8.16
N VAL D 210 25.51 -3.54 7.70
CA VAL D 210 24.50 -4.59 7.94
C VAL D 210 24.35 -5.34 6.62
N PHE D 211 24.74 -6.60 6.58
CA PHE D 211 24.59 -7.37 5.33
C PHE D 211 23.11 -7.53 4.99
N ARG D 212 22.80 -7.41 3.69
CA ARG D 212 21.41 -7.54 3.22
C ARG D 212 20.83 -8.93 3.47
N ASN D 213 21.63 -9.96 3.25
CA ASN D 213 21.16 -11.36 3.27
C ASN D 213 21.36 -11.95 4.65
N PRO D 214 20.31 -12.58 5.23
CA PRO D 214 20.48 -13.22 6.53
C PRO D 214 21.17 -14.59 6.35
N VAL D 215 21.66 -15.08 7.46
CA VAL D 215 22.05 -16.51 7.57
C VAL D 215 20.91 -17.29 8.23
N GLN D 216 21.01 -18.62 8.20
CA GLN D 216 20.00 -19.52 8.80
C GLN D 216 20.61 -20.36 9.91
N ILE D 217 19.91 -20.51 11.02
CA ILE D 217 20.20 -21.50 12.08
C ILE D 217 18.91 -22.29 12.30
N SER D 218 19.02 -23.47 12.89
CA SER D 218 17.83 -24.31 13.15
C SER D 218 17.04 -23.76 14.32
N GLN D 219 15.76 -24.11 14.37
CA GLN D 219 14.91 -23.74 15.53
C GLN D 219 15.55 -24.27 16.81
N GLU D 220 16.14 -25.45 16.77
CA GLU D 220 16.78 -26.03 17.98
C GLU D 220 17.94 -25.13 18.37
N GLN D 221 18.74 -24.66 17.42
CA GLN D 221 19.91 -23.80 17.72
C GLN D 221 19.41 -22.48 18.33
N LEU D 222 18.38 -21.92 17.72
CA LEU D 222 17.87 -20.64 18.24
C LEU D 222 17.34 -20.84 19.67
N LEU D 223 16.59 -21.91 19.90
CA LEU D 223 16.06 -22.17 21.26
C LEU D 223 17.21 -22.39 22.29
N ALA D 224 18.28 -23.11 21.95
CA ALA D 224 19.46 -23.26 22.83
C ALA D 224 19.99 -21.87 23.15
N LEU D 225 20.14 -21.02 22.12
CA LEU D 225 20.72 -19.68 22.39
C LEU D 225 19.83 -18.90 23.36
N GLU D 226 18.53 -18.99 23.16
CA GLU D 226 17.49 -18.21 23.89
C GLU D 226 17.38 -18.73 25.33
N THR D 227 17.76 -19.97 25.56
CA THR D 227 17.47 -20.63 26.86
C THR D 227 18.74 -20.97 27.64
N ALA D 228 19.94 -20.81 27.11
CA ALA D 228 21.13 -21.35 27.79
C ALA D 228 21.64 -20.43 28.90
N LEU D 229 21.42 -19.12 28.77
CA LEU D 229 22.24 -18.15 29.52
C LEU D 229 21.40 -17.31 30.50
N TYR D 230 22.08 -16.80 31.52
CA TYR D 230 21.57 -15.91 32.57
C TYR D 230 22.45 -14.65 32.64
N CYS D 231 21.83 -13.55 33.05
CA CYS D 231 22.46 -12.21 33.15
CA CYS D 231 22.53 -12.24 33.12
C CYS D 231 23.22 -12.09 34.47
N THR D 232 22.96 -13.02 35.39
CA THR D 232 23.36 -12.88 36.80
C THR D 232 24.54 -13.80 37.10
N HIS D 233 25.29 -13.49 38.16
CA HIS D 233 26.33 -14.39 38.72
C HIS D 233 25.72 -15.67 39.29
N MET D 234 26.53 -16.71 39.43
CA MET D 234 26.06 -18.03 39.93
C MET D 234 25.73 -17.96 41.42
N ASP D 235 26.08 -16.87 42.11
CA ASP D 235 25.80 -16.75 43.57
C ASP D 235 24.70 -15.70 43.75
N ASP D 236 24.04 -15.29 42.67
CA ASP D 236 22.98 -14.26 42.73
C ASP D 236 21.67 -14.94 43.17
N PRO D 237 21.07 -14.51 44.28
CA PRO D 237 19.82 -15.10 44.73
C PRO D 237 18.63 -14.78 43.82
N SER D 238 18.78 -13.85 42.86
CA SER D 238 17.68 -13.40 41.98
C SER D 238 18.07 -13.62 40.52
N PRO D 239 18.11 -14.89 40.06
CA PRO D 239 18.61 -15.17 38.71
C PRO D 239 17.71 -14.56 37.62
N ARG D 240 18.33 -13.97 36.60
CA ARG D 240 17.54 -13.39 35.45
C ARG D 240 17.97 -14.13 34.17
N GLU D 241 17.03 -14.75 33.47
CA GLU D 241 17.29 -15.37 32.13
C GLU D 241 17.77 -14.28 31.17
N MET D 242 18.82 -14.60 30.39
CA MET D 242 19.35 -13.71 29.35
C MET D 242 18.51 -13.89 28.08
N ILE D 243 17.49 -13.04 27.93
CA ILE D 243 16.48 -13.02 26.85
C ILE D 243 16.28 -11.56 26.45
N ASN D 244 15.85 -11.37 25.25
CA ASN D 244 15.39 -10.03 24.76
C ASN D 244 16.55 -9.04 24.92
N ASN D 245 17.78 -9.47 24.64
CA ASN D 245 18.98 -8.61 24.84
C ASN D 245 19.26 -7.77 23.59
N PHE D 246 18.24 -7.15 23.10
CA PHE D 246 18.38 -6.27 21.94
C PHE D 246 17.80 -4.93 22.32
N ARG D 247 18.27 -3.88 21.65
CA ARG D 247 17.73 -2.54 21.91
C ARG D 247 16.59 -2.30 20.93
N GLN D 248 15.59 -1.52 21.30
CA GLN D 248 14.62 -1.01 20.31
C GLN D 248 15.24 -0.11 19.24
N VAL D 249 14.65 -0.08 18.05
CA VAL D 249 15.12 0.82 16.99
C VAL D 249 14.95 2.26 17.43
N GLN D 250 15.87 3.06 16.96
CA GLN D 250 16.05 4.49 17.33
C GLN D 250 15.44 5.36 16.23
N LYS D 251 15.03 6.57 16.61
CA LYS D 251 14.68 7.57 15.60
C LYS D 251 15.85 7.79 14.64
N PHE D 252 15.54 8.03 13.37
CA PHE D 252 16.55 8.22 12.31
C PHE D 252 15.89 9.18 11.31
N ASP D 253 16.21 10.47 11.49
CA ASP D 253 15.51 11.68 10.97
C ASP D 253 16.54 12.48 10.16
N GLU D 254 16.18 12.84 8.92
CA GLU D 254 16.97 13.77 8.07
C GLU D 254 18.38 13.20 7.88
N ARG D 255 18.48 11.87 7.90
CA ARG D 255 19.75 11.15 7.71
C ARG D 255 19.49 9.98 6.79
N LEU D 256 20.57 9.46 6.18
CA LEU D 256 20.44 8.40 5.18
C LEU D 256 21.34 7.22 5.56
N VAL D 257 20.79 6.11 5.15
CA VAL D 257 21.42 4.79 5.08
C VAL D 257 21.80 4.55 3.64
N TYR D 258 23.05 4.22 3.40
CA TYR D 258 23.56 4.00 2.03
C TYR D 258 23.52 2.52 1.74
N THR D 259 23.08 2.14 0.54
CA THR D 259 23.08 0.72 0.13
C THR D 259 24.06 0.48 -1.01
N SER D 260 24.64 -0.72 -1.04
CA SER D 260 25.58 -1.14 -2.10
C SER D 260 24.84 -1.82 -3.25
N PHE D 261 23.51 -1.82 -3.22
CA PHE D 261 22.61 -2.51 -4.20
C PHE D 261 21.49 -1.54 -4.57
N SER D 262 20.98 -1.61 -5.81
CA SER D 262 19.98 -0.64 -6.36
C SER D 262 18.59 -1.30 -6.42
ZN ZN E . -1.35 10.51 22.12
C1 A1H9A F . -2.57 13.44 27.39
C2 A1H9A F . -2.44 12.13 26.85
C3 A1H9A F . -1.55 11.74 25.75
C4 A1H9A F . -0.82 12.89 25.22
C5 A1H9A F . -0.94 14.26 25.76
C6 A1H9A F . -1.85 14.62 26.81
C14 A1H9A F . 1.17 15.28 24.99
C15 A1H9A F . 1.56 16.65 24.39
C16 A1H9A F . 0.73 17.09 23.18
C17 A1H9A F . -0.77 16.98 23.45
C18 A1H9A F . -1.07 15.61 23.89
O21 A1H9A F . -2.22 17.12 26.44
S19 A1H9A F . -1.83 16.11 27.43
O20 A1H9A F . -2.68 16.30 28.61
C22 A1H9A F . -0.26 16.52 27.98
C23 A1H9A F . 0.28 15.76 29.21
C24 A1H9A F . 1.64 16.36 29.62
O25 A1H9A F . 2.60 16.24 28.55
N13 A1H9A F . -0.25 15.15 25.01
F11 A1H9A F . 0.00 12.72 24.21
S7 A1H9A F . -1.44 10.16 25.16
O9 A1H9A F . -2.80 9.84 24.90
N10 A1H9A F . -0.55 9.93 23.92
O8 A1H9A F . -0.81 9.38 26.22
F12 A1H9A F . -3.15 11.16 27.42
N26 A1H9A F . -3.34 13.72 28.51
C27 A1H9A F . -3.60 12.95 29.69
C34 A1H9A F . -2.38 13.24 30.60
C33 A1H9A F . -2.53 12.91 32.09
C32 A1H9A F . -2.72 14.17 32.97
C31 A1H9A F . -4.12 14.77 32.94
C30 A1H9A F . -4.32 15.58 31.67
C29 A1H9A F . -5.18 14.89 30.62
C28 A1H9A F . -4.94 13.40 30.35
ZN ZN G . -25.34 7.08 -17.03
C1 A1H9A H . -27.54 9.79 -11.96
C2 A1H9A H . -27.19 8.46 -12.41
C3 A1H9A H . -26.12 8.18 -13.38
C4 A1H9A H . -25.53 9.44 -13.91
C5 A1H9A H . -25.79 10.78 -13.43
C6 A1H9A H . -26.86 11.02 -12.50
C14 A1H9A H . -26.01 12.15 -15.28
C15 A1H9A H . -25.70 13.56 -15.73
C16 A1H9A H . -24.21 13.79 -15.82
C17 A1H9A H . -23.57 13.61 -14.45
C18 A1H9A H . -23.79 12.18 -14.07
O21 A1H9A H . -27.41 13.46 -12.99
S19 A1H9A H . -27.11 12.56 -11.91
O20 A1H9A H . -28.00 12.47 -10.77
C22 A1H9A H . -25.65 13.20 -11.24
C23 A1H9A H . -25.19 12.55 -9.92
C24 A1H9A H . -23.86 13.04 -9.37
O25 A1H9A H . -22.86 12.95 -10.38
N13 A1H9A H . -25.15 11.82 -14.13
F11 A1H9A H . -24.54 9.29 -14.70
S7 A1H9A H . -25.80 6.63 -13.97
O9 A1H9A H . -27.11 6.22 -14.44
N10 A1H9A H . -24.76 6.57 -15.13
O8 A1H9A H . -25.20 5.89 -12.82
F12 A1H9A H . -27.79 7.36 -11.92
N26 A1H9A H . -28.47 9.93 -10.94
C27 A1H9A H . -28.45 9.10 -9.78
C34 A1H9A H . -27.58 9.86 -8.75
C33 A1H9A H . -27.76 9.49 -7.28
C32 A1H9A H . -28.53 10.57 -6.51
C31 A1H9A H . -30.06 10.48 -6.68
C30 A1H9A H . -30.54 10.93 -8.05
C29 A1H9A H . -30.85 9.76 -9.02
C28 A1H9A H . -29.83 8.71 -9.31
ZN ZN I . 3.61 -6.56 -16.52
C1 A1H9A J . 8.25 -3.90 -13.41
C2 A1H9A J . 7.39 -3.66 -14.59
C3 A1H9A J . 6.01 -4.16 -14.77
C4 A1H9A J . 5.56 -4.92 -13.64
C5 A1H9A J . 6.42 -5.19 -12.46
C6 A1H9A J . 7.77 -4.71 -12.24
C14 A1H9A J . 6.31 -7.39 -11.69
C15 A1H9A J . 5.26 -8.38 -11.25
C16 A1H9A J . 4.27 -7.91 -10.21
C17 A1H9A J . 4.61 -6.59 -9.52
C18 A1H9A J . 4.79 -5.56 -10.60
O21 A1H9A J . 8.60 -6.52 -10.54
S19 A1H9A J . 8.49 -5.08 -10.78
O20 A1H9A J . 9.81 -4.47 -10.72
C22 A1H9A J . 7.67 -4.38 -9.48
C23 A1H9A J . 7.60 -2.85 -9.56
C24 A1H9A J . 6.74 -2.23 -8.44
O25 A1H9A J . 5.48 -2.92 -8.31
N13 A1H9A J . 5.83 -6.02 -11.50
F11 A1H9A J . 4.35 -5.45 -13.62
S7 A1H9A J . 5.03 -3.88 -16.10
O9 A1H9A J . 5.79 -4.40 -17.19
N10 A1H9A J . 3.65 -4.83 -15.86
O8 A1H9A J . 4.71 -2.51 -16.04
F12 A1H9A J . 7.99 -2.93 -15.55
N26 A1H9A J . 9.39 -3.22 -13.65
C27 A1H9A J . 10.35 -2.73 -12.74
C34 A1H9A J . 9.67 -1.43 -12.34
C33 A1H9A J . 10.53 -0.19 -12.22
C32 A1H9A J . 11.33 -0.25 -10.91
C31 A1H9A J . 12.73 -0.84 -11.10
C30 A1H9A J . 12.73 -2.37 -11.06
C29 A1H9A J . 12.81 -3.03 -12.44
C28 A1H9A J . 11.69 -2.70 -13.44
ZN ZN K . 25.90 -5.89 19.47
C1 A1H9A L . 31.01 -3.85 22.49
C2 A1H9A L . 30.14 -3.46 21.31
C3 A1H9A L . 28.68 -3.80 21.15
C4 A1H9A L . 28.16 -4.60 22.32
C5 A1H9A L . 29.04 -4.98 23.45
C6 A1H9A L . 30.45 -4.64 23.61
C14 A1H9A L . 28.41 -7.14 23.82
C15 A1H9A L . 28.40 -8.05 25.01
C16 A1H9A L . 27.22 -7.65 25.92
C17 A1H9A L . 27.43 -6.24 26.50
C18 A1H9A L . 27.51 -5.21 25.38
O21 A1H9A L . 31.25 -6.51 25.07
S19 A1H9A L . 31.31 -5.09 24.95
O20 A1H9A L . 32.66 -4.58 24.84
C22 A1H9A L . 30.75 -4.30 26.33
C23 A1H9A L . 31.10 -2.81 26.28
C24 A1H9A L . 30.32 -1.92 27.26
O25 A1H9A L . 28.93 -2.29 27.31
N13 A1H9A L . 28.34 -5.77 24.31
F11 A1H9A L . 26.92 -5.05 22.45
S7 A1H9A L . 27.72 -3.33 19.86
O9 A1H9A L . 28.39 -3.75 18.63
N10 A1H9A L . 26.25 -4.07 19.93
O8 A1H9A L . 27.44 -1.93 19.93
F12 A1H9A L . 30.65 -2.74 20.31
N26 A1H9A L . 32.31 -3.49 22.70
C27 A1H9A L . 33.05 -2.50 21.95
C34 A1H9A L . 32.61 -1.08 22.40
C33 A1H9A L . 33.39 -0.26 23.43
C32 A1H9A L . 34.10 -1.00 24.55
C31 A1H9A L . 35.62 -0.86 24.50
C30 A1H9A L . 36.29 -1.43 23.25
C29 A1H9A L . 35.48 -1.66 21.97
C28 A1H9A L . 34.55 -2.85 22.09
#